data_7CLZ
#
_entry.id   7CLZ
#
_cell.length_a   96.664
_cell.length_b   100.208
_cell.length_c   117.45
_cell.angle_alpha   90.0
_cell.angle_beta   90.0
_cell.angle_gamma   90.0
#
_symmetry.space_group_name_H-M   'P 21 21 21'
#
loop_
_entity.id
_entity.type
_entity.pdbx_description
1 polymer 'Putative hydrolase'
2 non-polymer 'Fluostatin C'
3 non-polymer 'SODIUM ION'
4 non-polymer D-MALATE
5 non-polymer 'BORIC ACID'
6 water water
#
_entity_poly.entity_id   1
_entity_poly.type   'polypeptide(L)'
_entity_poly.pdbx_seq_one_letter_code
;MGSSHHHHHHSSGLVPRGSHMLALGTGATALAVTGSPAAAHPGPHPGPVPSDRELARSLPGGFRSRHARVGGVRLHYVSG
GHGEPLLLVPGWPQTWWAYRKVMPQLARRYHVIAVDLRGMGGSDKPAGGYDKKTMAADLHALVRGLGHRQVNVAGHDIGS
MVAFAFAANHPEATRKVALLDTPHPDQSEYEMRILCRPGTGTTLWWFAFNQLQALPEQLMHGRMRHVIDWLYANSLADQS
LVGDLDRDIYANAYNSPQAVRAGTRWFQACHQDITDQAGYGKLTMPVLGIGGNFTFEDLRNKLTAQATDVHMVRASKSVH
YLPEEEPDVVAGALLDFFG
;
_entity_poly.pdbx_strand_id   A,B,C,D
#
loop_
_chem_comp.id
_chem_comp.type
_chem_comp.name
_chem_comp.formula
BO3 non-polymer 'BORIC ACID' 'B H3 O3'
DY9 non-polymer 'Fluostatin C' 'C18 H12 O6'
MLT non-polymer D-MALATE 'C4 H6 O5'
NA non-polymer 'SODIUM ION' 'Na 1'
#
# COMPACT_ATOMS: atom_id res chain seq x y z
N GLY A 47 -6.59 -12.85 17.65
CA GLY A 47 -7.83 -12.16 17.99
C GLY A 47 -7.68 -11.03 18.99
N PRO A 48 -8.82 -10.53 19.50
CA PRO A 48 -8.78 -9.36 20.38
C PRO A 48 -7.96 -9.54 21.67
N VAL A 49 -7.48 -8.44 22.23
CA VAL A 49 -6.81 -8.43 23.52
C VAL A 49 -7.57 -7.51 24.44
N PRO A 50 -7.32 -7.62 25.76
CA PRO A 50 -8.01 -6.73 26.71
C PRO A 50 -7.73 -5.27 26.44
N SER A 51 -8.68 -4.40 26.76
CA SER A 51 -8.44 -2.98 26.61
C SER A 51 -7.41 -2.49 27.62
N ASP A 52 -6.88 -1.29 27.42
CA ASP A 52 -5.95 -0.71 28.36
C ASP A 52 -6.52 -0.55 29.78
N ARG A 53 -7.82 -0.27 29.93
CA ARG A 53 -8.42 -0.22 31.26
C ARG A 53 -8.37 -1.60 31.91
N GLU A 54 -8.68 -2.63 31.15
CA GLU A 54 -8.64 -4.00 31.64
C GLU A 54 -7.22 -4.34 32.09
N LEU A 55 -6.26 -4.01 31.25
CA LEU A 55 -4.85 -4.29 31.57
C LEU A 55 -4.38 -3.53 32.80
N ALA A 56 -4.68 -2.24 32.87
CA ALA A 56 -4.23 -1.43 34.00
C ALA A 56 -4.77 -1.98 35.32
N ARG A 57 -6.04 -2.37 35.31
CA ARG A 57 -6.68 -2.88 36.52
C ARG A 57 -6.21 -4.26 36.89
N SER A 58 -5.62 -4.97 35.94
CA SER A 58 -5.18 -6.33 36.23
C SER A 58 -3.91 -6.32 37.09
N LEU A 59 -3.30 -5.16 37.24
CA LEU A 59 -2.07 -5.00 38.02
C LEU A 59 -2.33 -4.65 39.48
N PRO A 60 -1.60 -5.28 40.40
CA PRO A 60 -1.70 -4.81 41.78
C PRO A 60 -1.15 -3.39 41.88
N GLY A 61 -1.62 -2.62 42.86
CA GLY A 61 -1.15 -1.25 43.05
C GLY A 61 -2.11 -0.14 42.68
N GLY A 62 -3.27 -0.50 42.15
CA GLY A 62 -4.31 0.47 41.86
C GLY A 62 -3.99 1.45 40.74
N PHE A 63 -3.63 0.87 39.60
CA PHE A 63 -3.39 1.66 38.39
C PHE A 63 -4.68 1.95 37.63
N ARG A 64 -4.75 3.11 37.00
CA ARG A 64 -5.91 3.48 36.18
C ARG A 64 -5.43 3.99 34.83
N SER A 65 -6.15 3.61 33.77
CA SER A 65 -5.82 4.07 32.43
C SER A 65 -6.41 5.45 32.22
N ARG A 66 -5.60 6.39 31.74
CA ARG A 66 -6.09 7.75 31.60
C ARG A 66 -5.66 8.38 30.28
N HIS A 67 -6.20 9.58 29.99
CA HIS A 67 -5.73 10.36 28.85
C HIS A 67 -5.51 11.78 29.30
N ALA A 68 -4.77 12.54 28.49
CA ALA A 68 -4.53 13.95 28.71
C ALA A 68 -4.18 14.58 27.37
N ARG A 69 -4.60 15.81 27.15
CA ARG A 69 -4.23 16.44 25.88
C ARG A 69 -3.15 17.48 26.14
N VAL A 70 -2.02 17.35 25.44
CA VAL A 70 -0.92 18.30 25.53
C VAL A 70 -0.67 18.91 24.17
N GLY A 71 -0.79 20.23 24.07
CA GLY A 71 -0.54 20.92 22.81
C GLY A 71 -1.37 20.39 21.67
N GLY A 72 -2.60 19.97 21.96
CA GLY A 72 -3.52 19.48 20.95
C GLY A 72 -3.39 17.99 20.68
N VAL A 73 -2.33 17.38 21.18
CA VAL A 73 -2.16 15.95 21.02
C VAL A 73 -2.58 15.18 22.26
N ARG A 74 -3.40 14.15 22.06
CA ARG A 74 -3.94 13.34 23.14
C ARG A 74 -3.04 12.15 23.45
N LEU A 75 -2.58 12.06 24.70
CA LEU A 75 -1.70 10.98 25.11
C LEU A 75 -2.40 10.03 26.05
N HIS A 76 -2.15 8.75 25.88
CA HIS A 76 -2.64 7.77 26.82
C HIS A 76 -1.56 7.49 27.85
N TYR A 77 -1.94 7.39 29.12
CA TYR A 77 -0.97 6.94 30.15
C TYR A 77 -1.73 6.14 31.20
N VAL A 78 -0.97 5.38 31.99
CA VAL A 78 -1.49 4.60 33.11
C VAL A 78 -0.73 5.01 34.37
N SER A 79 -1.44 5.49 35.38
CA SER A 79 -0.75 5.92 36.60
C SER A 79 -1.36 5.28 37.83
N GLY A 80 -0.56 5.28 38.90
CA GLY A 80 -0.93 4.67 40.17
C GLY A 80 0.21 4.75 41.17
N GLY A 81 -0.07 4.35 42.41
CA GLY A 81 0.92 4.38 43.45
C GLY A 81 0.95 5.71 44.18
N HIS A 82 1.79 5.81 45.20
CA HIS A 82 1.88 7.04 45.97
C HIS A 82 3.35 7.35 46.29
N GLY A 83 3.67 8.65 46.30
CA GLY A 83 5.01 9.14 46.55
C GLY A 83 5.41 10.12 45.47
N GLU A 84 6.72 10.35 45.33
CA GLU A 84 7.22 11.24 44.29
C GLU A 84 6.97 10.64 42.92
N PRO A 85 6.72 11.48 41.92
CA PRO A 85 6.36 11.02 40.58
C PRO A 85 7.54 10.35 39.85
N LEU A 86 7.20 9.28 39.17
CA LEU A 86 8.11 8.52 38.35
C LEU A 86 7.48 8.25 36.99
N LEU A 87 8.02 8.92 35.97
CA LEU A 87 7.61 8.76 34.58
C LEU A 87 8.35 7.58 33.94
N LEU A 88 7.60 6.65 33.36
CA LEU A 88 8.17 5.49 32.68
C LEU A 88 7.84 5.57 31.21
N VAL A 89 8.88 5.49 30.38
CA VAL A 89 8.70 5.67 28.94
C VAL A 89 9.16 4.41 28.18
N PRO A 90 8.26 3.80 27.41
CA PRO A 90 8.60 2.61 26.62
C PRO A 90 9.08 2.95 25.21
N GLY A 91 9.45 1.93 24.44
CA GLY A 91 9.94 2.13 23.08
C GLY A 91 9.28 1.20 22.04
N TRP A 92 10.02 0.94 20.96
CA TRP A 92 9.49 0.21 19.81
C TRP A 92 9.87 -1.27 19.82
N PRO A 93 8.95 -2.16 19.41
CA PRO A 93 7.55 -1.88 19.12
C PRO A 93 6.72 -2.30 20.30
N GLN A 94 6.67 -1.48 21.33
CA GLN A 94 5.99 -1.88 22.56
C GLN A 94 5.02 -0.78 22.97
N THR A 95 4.49 -0.90 24.18
CA THR A 95 3.60 0.10 24.75
C THR A 95 3.91 0.19 26.26
N TRP A 96 3.16 1.02 26.99
CA TRP A 96 3.29 1.15 28.45
C TRP A 96 3.31 -0.20 29.13
N TRP A 97 2.67 -1.18 28.49
CA TRP A 97 2.57 -2.52 29.04
C TRP A 97 3.95 -3.22 29.22
N ALA A 98 4.99 -2.67 28.57
CA ALA A 98 6.34 -3.19 28.70
C ALA A 98 6.84 -3.11 30.15
N TYR A 99 6.26 -2.18 30.91
CA TYR A 99 6.63 -1.98 32.32
C TYR A 99 5.77 -2.73 33.33
N ARG A 100 4.93 -3.66 32.87
CA ARG A 100 4.00 -4.38 33.75
C ARG A 100 4.64 -5.15 34.92
N LYS A 101 5.83 -5.70 34.69
CA LYS A 101 6.51 -6.53 35.69
C LYS A 101 7.15 -5.72 36.80
N VAL A 102 7.33 -4.41 36.58
CA VAL A 102 8.01 -3.56 37.57
C VAL A 102 7.11 -2.48 38.18
N MET A 103 5.98 -2.20 37.54
CA MET A 103 5.11 -1.12 37.99
C MET A 103 4.52 -1.30 39.41
N PRO A 104 4.13 -2.53 39.78
CA PRO A 104 3.58 -2.71 41.11
C PRO A 104 4.60 -2.40 42.19
N GLN A 105 5.82 -2.94 42.05
CA GLN A 105 6.86 -2.71 43.03
C GLN A 105 7.18 -1.21 43.09
N LEU A 106 7.31 -0.57 41.93
CA LEU A 106 7.61 0.86 41.92
C LEU A 106 6.49 1.67 42.53
N ALA A 107 5.26 1.19 42.37
CA ALA A 107 4.07 1.90 42.87
C ALA A 107 4.04 1.94 44.40
N ARG A 108 4.84 1.08 45.02
CA ARG A 108 4.94 1.08 46.47
C ARG A 108 5.68 2.32 46.97
N ARG A 109 6.50 2.90 46.11
CA ARG A 109 7.36 4.01 46.51
C ARG A 109 7.07 5.28 45.73
N TYR A 110 6.63 5.13 44.48
CA TYR A 110 6.46 6.28 43.63
C TYR A 110 5.05 6.41 43.09
N HIS A 111 4.68 7.64 42.75
CA HIS A 111 3.50 7.81 41.94
C HIS A 111 3.92 7.56 40.48
N VAL A 112 3.65 6.35 40.00
CA VAL A 112 4.11 5.91 38.68
C VAL A 112 3.23 6.43 37.57
N ILE A 113 3.86 6.99 36.54
CA ILE A 113 3.15 7.42 35.34
C ILE A 113 3.77 6.77 34.11
N ALA A 114 3.14 5.69 33.62
CA ALA A 114 3.62 4.94 32.45
C ALA A 114 2.88 5.39 31.21
N VAL A 115 3.60 5.95 30.25
CA VAL A 115 2.97 6.63 29.13
C VAL A 115 3.08 5.87 27.82
N ASP A 116 2.12 6.10 26.92
CA ASP A 116 2.30 5.78 25.51
C ASP A 116 2.81 7.05 24.84
N LEU A 117 3.99 6.98 24.21
CA LEU A 117 4.52 8.13 23.49
C LEU A 117 3.60 8.59 22.35
N ARG A 118 3.76 9.83 21.90
CA ARG A 118 3.17 10.23 20.65
C ARG A 118 3.44 9.17 19.58
N GLY A 119 2.40 8.72 18.88
CA GLY A 119 2.54 7.72 17.85
C GLY A 119 2.40 6.30 18.35
N MET A 120 2.28 6.15 19.68
CA MET A 120 2.31 4.83 20.30
C MET A 120 1.00 4.42 20.99
N GLY A 121 0.61 3.16 20.80
CA GLY A 121 -0.46 2.55 21.58
C GLY A 121 -1.76 3.33 21.55
N GLY A 122 -2.22 3.79 22.70
CA GLY A 122 -3.45 4.56 22.78
C GLY A 122 -3.29 6.06 22.55
N SER A 123 -2.06 6.52 22.35
CA SER A 123 -1.83 7.93 22.12
C SER A 123 -2.12 8.29 20.66
N ASP A 124 -2.38 9.57 20.41
CA ASP A 124 -2.60 10.06 19.04
C ASP A 124 -1.40 9.79 18.13
N LYS A 125 -1.67 9.71 16.82
CA LYS A 125 -0.61 9.54 15.84
C LYS A 125 -0.66 10.66 14.81
N PRO A 126 -0.21 11.86 15.21
CA PRO A 126 -0.23 13.03 14.34
C PRO A 126 0.78 12.91 13.20
N ALA A 127 0.76 13.90 12.31
CA ALA A 127 1.60 13.86 11.12
C ALA A 127 3.08 13.85 11.47
N GLY A 128 3.48 14.69 12.44
CA GLY A 128 4.88 14.82 12.80
C GLY A 128 5.17 14.99 14.28
N GLY A 129 6.34 15.55 14.58
CA GLY A 129 6.75 15.78 15.96
C GLY A 129 7.34 14.54 16.62
N TYR A 130 7.96 13.69 15.83
CA TYR A 130 8.45 12.41 16.33
C TYR A 130 9.95 12.46 16.69
N ASP A 131 10.56 13.62 16.55
CA ASP A 131 11.89 13.86 17.13
C ASP A 131 11.78 13.80 18.66
N LYS A 132 12.85 13.35 19.29
CA LYS A 132 12.81 13.06 20.71
C LYS A 132 12.65 14.34 21.53
N LYS A 133 13.13 15.46 21.00
CA LYS A 133 12.94 16.72 21.68
C LYS A 133 11.45 17.09 21.77
N THR A 134 10.72 16.99 20.66
CA THR A 134 9.29 17.27 20.67
C THR A 134 8.51 16.28 21.57
N MET A 135 8.85 15.00 21.49
CA MET A 135 8.16 13.98 22.28
C MET A 135 8.43 14.14 23.77
N ALA A 136 9.64 14.58 24.11
CA ALA A 136 9.98 14.87 25.50
C ALA A 136 9.20 16.07 26.00
N ALA A 137 9.01 17.06 25.12
CA ALA A 137 8.24 18.25 25.47
C ALA A 137 6.79 17.85 25.78
N ASP A 138 6.28 16.89 25.01
CA ASP A 138 4.96 16.28 25.26
C ASP A 138 4.87 15.80 26.70
N LEU A 139 5.86 15.01 27.11
CA LEU A 139 5.84 14.40 28.41
C LEU A 139 5.99 15.47 29.49
N HIS A 140 6.75 16.51 29.16
CA HIS A 140 6.95 17.64 30.05
C HIS A 140 5.65 18.40 30.29
N ALA A 141 4.95 18.72 29.21
CA ALA A 141 3.65 19.38 29.31
C ALA A 141 2.67 18.53 30.12
N LEU A 142 2.77 17.22 29.93
CA LEU A 142 1.95 16.25 30.65
C LEU A 142 2.16 16.27 32.16
N VAL A 143 3.40 16.10 32.62
CA VAL A 143 3.60 15.99 34.05
C VAL A 143 3.36 17.36 34.69
N ARG A 144 3.63 18.42 33.93
CA ARG A 144 3.32 19.77 34.39
C ARG A 144 1.81 20.00 34.49
N GLY A 145 1.07 19.48 33.52
CA GLY A 145 -0.38 19.54 33.55
C GLY A 145 -0.87 18.75 34.75
N LEU A 146 -0.12 17.73 35.13
CA LEU A 146 -0.52 16.96 36.30
C LEU A 146 -0.10 17.60 37.62
N GLY A 147 0.51 18.78 37.54
CA GLY A 147 0.89 19.50 38.74
C GLY A 147 2.21 19.07 39.34
N HIS A 148 3.07 18.41 38.56
CA HIS A 148 4.39 18.05 39.08
C HIS A 148 5.46 19.03 38.63
N ARG A 149 6.24 19.56 39.57
CA ARG A 149 7.29 20.51 39.18
C ARG A 149 8.54 19.80 38.64
N GLN A 150 8.92 18.72 39.29
CA GLN A 150 9.99 17.87 38.81
C GLN A 150 9.60 16.42 39.06
N VAL A 151 10.14 15.53 38.23
CA VAL A 151 9.85 14.11 38.34
C VAL A 151 11.10 13.24 38.21
N ASN A 152 11.02 12.02 38.70
CA ASN A 152 11.97 11.00 38.30
C ASN A 152 11.56 10.46 36.91
N VAL A 153 12.55 10.16 36.08
CA VAL A 153 12.27 9.67 34.72
C VAL A 153 13.13 8.44 34.40
N ALA A 154 12.49 7.43 33.84
CA ALA A 154 13.17 6.27 33.29
C ALA A 154 12.62 5.98 31.90
N GLY A 155 13.48 5.64 30.95
CA GLY A 155 13.03 5.32 29.61
C GLY A 155 13.75 4.10 29.06
N HIS A 156 13.08 3.36 28.18
CA HIS A 156 13.65 2.17 27.54
C HIS A 156 13.57 2.30 26.03
N ASP A 157 14.63 1.89 25.33
CA ASP A 157 14.63 1.87 23.87
C ASP A 157 14.41 3.31 23.32
N ILE A 158 13.49 3.47 22.36
CA ILE A 158 13.09 4.82 21.92
C ILE A 158 12.76 5.74 23.13
N GLY A 159 12.14 5.17 24.16
CA GLY A 159 11.76 5.93 25.34
C GLY A 159 12.95 6.42 26.15
N SER A 160 14.07 5.70 26.06
CA SER A 160 15.28 6.10 26.74
C SER A 160 15.80 7.37 26.05
N MET A 161 15.73 7.40 24.73
CA MET A 161 16.11 8.60 23.98
C MET A 161 15.27 9.80 24.44
N VAL A 162 13.98 9.56 24.57
CA VAL A 162 13.06 10.58 25.04
C VAL A 162 13.38 10.94 26.48
N ALA A 163 13.71 9.94 27.30
CA ALA A 163 14.12 10.24 28.69
C ALA A 163 15.30 11.19 28.70
N PHE A 164 16.28 10.93 27.84
CA PHE A 164 17.50 11.74 27.77
C PHE A 164 17.17 13.15 27.28
N ALA A 165 16.32 13.23 26.25
CA ALA A 165 15.89 14.53 25.72
C ALA A 165 15.13 15.35 26.78
N PHE A 166 14.36 14.68 27.62
CA PHE A 166 13.64 15.31 28.73
C PHE A 166 14.62 15.96 29.72
N ALA A 167 15.59 15.19 30.18
CA ALA A 167 16.60 15.72 31.08
C ALA A 167 17.39 16.82 30.37
N ALA A 168 17.57 16.68 29.06
CA ALA A 168 18.42 17.59 28.30
C ALA A 168 17.76 18.95 28.09
N ASN A 169 16.46 18.91 27.85
CA ASN A 169 15.68 20.12 27.56
C ASN A 169 14.98 20.71 28.78
N HIS A 170 14.76 19.89 29.80
CA HIS A 170 13.99 20.30 30.97
C HIS A 170 14.66 19.88 32.26
N PRO A 171 15.92 20.32 32.47
CA PRO A 171 16.68 19.93 33.67
C PRO A 171 15.97 20.33 34.95
N GLU A 172 15.26 21.46 34.94
CA GLU A 172 14.58 21.92 36.16
C GLU A 172 13.40 21.01 36.52
N ALA A 173 12.88 20.25 35.56
CA ALA A 173 11.75 19.37 35.85
C ALA A 173 12.22 17.94 36.03
N THR A 174 13.54 17.77 36.01
CA THR A 174 14.19 16.47 36.08
C THR A 174 14.97 16.28 37.37
N ARG A 175 14.44 15.43 38.23
CA ARG A 175 15.07 15.07 39.50
C ARG A 175 16.30 14.14 39.27
N LYS A 176 16.03 13.00 38.64
CA LYS A 176 17.02 12.06 38.18
C LYS A 176 16.49 11.42 36.89
N VAL A 177 17.37 10.84 36.09
CA VAL A 177 16.94 10.15 34.88
C VAL A 177 17.67 8.81 34.76
N ALA A 178 16.91 7.78 34.37
CA ALA A 178 17.51 6.46 34.14
C ALA A 178 17.30 6.06 32.69
N LEU A 179 18.39 5.61 32.06
CA LEU A 179 18.37 5.18 30.67
C LEU A 179 18.51 3.67 30.60
N LEU A 180 17.46 3.02 30.09
CA LEU A 180 17.44 1.56 29.98
C LEU A 180 17.85 1.11 28.57
N ASP A 181 19.11 0.64 28.51
CA ASP A 181 19.82 0.02 27.38
C ASP A 181 20.24 0.96 26.27
N THR A 182 19.45 1.98 25.97
CA THR A 182 19.60 2.73 24.72
C THR A 182 20.02 4.19 24.90
N PRO A 183 21.19 4.55 24.34
CA PRO A 183 21.68 5.94 24.41
C PRO A 183 20.98 6.84 23.41
N HIS A 184 21.10 8.15 23.61
CA HIS A 184 20.54 9.10 22.66
C HIS A 184 21.31 9.01 21.34
N PRO A 185 20.61 9.20 20.21
CA PRO A 185 21.36 9.25 18.96
C PRO A 185 22.45 10.32 19.00
N ASP A 186 23.60 10.03 18.38
CA ASP A 186 24.67 11.00 18.16
C ASP A 186 25.36 10.64 16.84
N GLN A 187 26.57 11.15 16.63
CA GLN A 187 27.27 10.93 15.36
C GLN A 187 27.61 9.45 15.13
N SER A 188 27.76 8.70 16.23
CA SER A 188 28.05 7.27 16.16
C SER A 188 26.97 6.45 15.41
N GLU A 189 25.76 7.01 15.29
CA GLU A 189 24.69 6.34 14.55
C GLU A 189 25.11 6.11 13.10
N TYR A 190 25.91 7.04 12.59
CA TYR A 190 26.36 6.96 11.20
C TYR A 190 27.50 5.97 11.01
N GLU A 191 27.97 5.38 12.10
CA GLU A 191 29.04 4.40 12.04
C GLU A 191 28.55 2.96 12.18
N MET A 192 27.26 2.79 12.46
CA MET A 192 26.68 1.46 12.57
C MET A 192 26.87 0.70 11.26
N ARG A 193 27.27 -0.57 11.36
CA ARG A 193 27.57 -1.40 10.20
C ARG A 193 26.38 -2.22 9.72
N ILE A 194 26.24 -2.33 8.41
CA ILE A 194 25.17 -3.12 7.83
C ILE A 194 25.26 -4.60 8.21
N LEU A 195 26.48 -5.13 8.17
CA LEU A 195 26.76 -6.52 8.47
C LEU A 195 27.70 -6.73 9.67
N CYS A 196 27.42 -7.78 10.43
CA CYS A 196 28.30 -8.16 11.50
C CYS A 196 29.05 -9.38 10.98
N ARG A 197 30.32 -9.49 11.38
CA ARG A 197 31.08 -10.67 11.02
C ARG A 197 30.40 -11.87 11.66
N PRO A 198 30.48 -13.04 11.02
CA PRO A 198 29.72 -14.19 11.54
C PRO A 198 30.04 -14.48 13.01
N GLY A 199 29.00 -14.75 13.79
CA GLY A 199 29.21 -15.08 15.18
C GLY A 199 29.49 -13.91 16.11
N THR A 200 29.42 -12.67 15.65
CA THR A 200 29.74 -11.59 16.59
C THR A 200 28.53 -10.99 17.29
N GLY A 201 27.83 -10.09 16.63
CA GLY A 201 26.75 -9.35 17.24
C GLY A 201 25.49 -9.48 16.43
N THR A 202 24.42 -8.85 16.91
CA THR A 202 23.16 -8.90 16.19
C THR A 202 22.99 -7.77 15.18
N THR A 203 22.55 -8.17 13.99
CA THR A 203 22.13 -7.26 12.94
C THR A 203 21.06 -6.29 13.42
N LEU A 204 21.34 -5.00 13.44
CA LEU A 204 20.33 -4.02 13.83
C LEU A 204 19.51 -3.58 12.60
N TRP A 205 18.92 -4.55 11.90
CA TRP A 205 18.29 -4.32 10.61
C TRP A 205 17.17 -3.30 10.68
N TRP A 206 16.43 -3.24 11.79
CA TRP A 206 15.22 -2.43 11.81
C TRP A 206 15.58 -0.95 11.84
N PHE A 207 16.82 -0.62 12.21
CA PHE A 207 17.30 0.76 12.14
C PHE A 207 17.36 1.32 10.72
N ALA A 208 17.79 0.49 9.78
CA ALA A 208 17.78 0.86 8.37
C ALA A 208 16.35 0.79 7.87
N PHE A 209 15.70 -0.33 8.14
CA PHE A 209 14.39 -0.60 7.58
C PHE A 209 13.36 0.48 7.94
N ASN A 210 13.40 0.95 9.18
CA ASN A 210 12.41 1.93 9.65
C ASN A 210 12.73 3.33 9.14
N GLN A 211 13.80 3.46 8.38
CA GLN A 211 14.08 4.75 7.75
C GLN A 211 13.17 4.95 6.55
N LEU A 212 12.63 3.84 6.05
CA LEU A 212 11.96 3.85 4.78
C LEU A 212 10.57 4.51 4.76
N GLN A 213 10.24 5.13 3.62
CA GLN A 213 8.87 5.60 3.40
C GLN A 213 8.06 4.48 2.74
N ALA A 214 6.83 4.29 3.22
CA ALA A 214 5.83 3.38 2.63
C ALA A 214 6.06 1.87 2.77
N LEU A 215 7.27 1.38 2.50
CA LEU A 215 7.48 -0.07 2.48
C LEU A 215 7.17 -0.76 3.83
N PRO A 216 7.55 -0.13 4.96
CA PRO A 216 7.32 -0.75 6.28
C PRO A 216 5.84 -1.08 6.57
N GLU A 217 4.95 -0.11 6.44
CA GLU A 217 3.53 -0.39 6.62
C GLU A 217 3.08 -1.41 5.54
N GLN A 218 3.60 -1.29 4.32
CA GLN A 218 3.21 -2.22 3.25
C GLN A 218 3.59 -3.65 3.55
N LEU A 219 4.75 -3.85 4.18
CA LEU A 219 5.20 -5.19 4.48
C LEU A 219 4.66 -5.71 5.81
N MET A 220 4.56 -4.82 6.80
CA MET A 220 4.32 -5.26 8.18
C MET A 220 2.88 -5.21 8.66
N HIS A 221 2.00 -4.50 7.93
CA HIS A 221 0.62 -4.41 8.40
C HIS A 221 0.00 -5.81 8.51
N GLY A 222 -0.69 -6.04 9.64
CA GLY A 222 -1.26 -7.34 9.95
C GLY A 222 -0.25 -8.38 10.40
N ARG A 223 1.05 -8.07 10.26
CA ARG A 223 2.07 -9.10 10.45
C ARG A 223 3.07 -8.76 11.56
N MET A 224 2.69 -7.84 12.45
CA MET A 224 3.63 -7.37 13.47
C MET A 224 3.96 -8.45 14.50
N ARG A 225 3.09 -9.45 14.68
CA ARG A 225 3.44 -10.55 15.57
C ARG A 225 4.74 -11.27 15.13
N HIS A 226 4.96 -11.43 13.82
CA HIS A 226 6.21 -12.04 13.33
C HIS A 226 7.44 -11.21 13.67
N VAL A 227 7.30 -9.89 13.59
CA VAL A 227 8.39 -8.99 13.90
C VAL A 227 8.76 -9.16 15.37
N ILE A 228 7.71 -9.14 16.20
CA ILE A 228 7.85 -9.31 17.65
C ILE A 228 8.48 -10.67 18.00
N ASP A 229 8.04 -11.71 17.31
CA ASP A 229 8.62 -13.02 17.49
C ASP A 229 10.11 -13.06 17.11
N TRP A 230 10.48 -12.38 16.02
CA TRP A 230 11.90 -12.37 15.62
C TRP A 230 12.74 -11.71 16.72
N LEU A 231 12.31 -10.52 17.16
CA LEU A 231 13.01 -9.72 18.14
C LEU A 231 13.22 -10.49 19.43
N TYR A 232 12.16 -11.15 19.89
CA TYR A 232 12.24 -11.91 21.12
C TYR A 232 13.10 -13.16 20.96
N ALA A 233 13.01 -13.78 19.78
CA ALA A 233 13.81 -14.96 19.49
C ALA A 233 15.31 -14.64 19.49
N ASN A 234 15.65 -13.38 19.23
CA ASN A 234 17.05 -12.96 19.22
C ASN A 234 17.41 -12.13 20.45
N SER A 235 16.68 -12.33 21.54
CA SER A 235 17.00 -11.61 22.78
C SER A 235 16.70 -12.40 24.05
N LEU A 236 15.49 -12.95 24.18
CA LEU A 236 15.07 -13.61 25.42
C LEU A 236 15.84 -14.89 25.74
N ALA A 237 16.27 -15.04 27.00
CA ALA A 237 17.00 -16.24 27.40
C ALA A 237 16.03 -17.41 27.48
N ASP A 238 14.78 -17.06 27.75
CA ASP A 238 13.70 -18.01 27.77
C ASP A 238 12.51 -17.30 27.13
N GLN A 239 11.93 -17.91 26.09
CA GLN A 239 10.86 -17.26 25.33
C GLN A 239 9.64 -17.00 26.20
N SER A 240 9.49 -17.79 27.25
CA SER A 240 8.31 -17.64 28.09
C SER A 240 8.42 -16.38 28.95
N LEU A 241 9.54 -15.65 28.89
CA LEU A 241 9.64 -14.35 29.56
C LEU A 241 8.61 -13.33 29.03
N VAL A 242 8.18 -13.52 27.78
CA VAL A 242 7.09 -12.71 27.24
C VAL A 242 6.11 -13.65 26.54
N GLY A 243 4.97 -13.87 27.18
CA GLY A 243 3.97 -14.82 26.71
C GLY A 243 3.21 -14.36 25.48
N ASP A 244 2.39 -15.25 24.93
CA ASP A 244 1.58 -15.01 23.72
C ASP A 244 0.69 -13.77 23.82
N LEU A 245 0.03 -13.61 24.96
CA LEU A 245 -0.91 -12.49 25.14
C LEU A 245 -0.18 -11.16 25.09
N ASP A 246 0.95 -11.10 25.77
CA ASP A 246 1.77 -9.90 25.83
C ASP A 246 2.25 -9.50 24.44
N ARG A 247 2.67 -10.50 23.66
CA ARG A 247 3.11 -10.26 22.29
C ARG A 247 1.94 -9.77 21.44
N ASP A 248 0.76 -10.33 21.68
CA ASP A 248 -0.44 -9.96 20.91
C ASP A 248 -0.92 -8.57 21.25
N ILE A 249 -0.74 -8.16 22.50
CA ILE A 249 -1.04 -6.79 22.88
C ILE A 249 -0.18 -5.80 22.09
N TYR A 250 1.13 -6.06 21.99
CA TYR A 250 1.94 -5.18 21.16
C TYR A 250 1.53 -5.29 19.67
N ALA A 251 1.29 -6.51 19.19
CA ALA A 251 1.04 -6.69 17.77
C ALA A 251 -0.22 -5.93 17.37
N ASN A 252 -1.24 -6.00 18.23
CA ASN A 252 -2.49 -5.30 17.97
C ASN A 252 -2.33 -3.80 17.96
N ALA A 253 -1.46 -3.27 18.83
CA ALA A 253 -1.21 -1.81 18.84
C ALA A 253 -0.52 -1.36 17.55
N TYR A 254 0.35 -2.22 17.00
CA TYR A 254 1.16 -1.84 15.85
C TYR A 254 0.66 -2.38 14.50
N ASN A 255 -0.38 -3.20 14.48
CA ASN A 255 -0.66 -3.94 13.24
C ASN A 255 -1.27 -3.12 12.10
N SER A 256 -1.92 -1.98 12.39
CA SER A 256 -2.46 -1.15 11.30
C SER A 256 -1.36 -0.36 10.56
N PRO A 257 -1.57 -0.04 9.28
CA PRO A 257 -0.59 0.72 8.50
C PRO A 257 -0.23 2.05 9.14
N GLN A 258 -1.23 2.74 9.67
CA GLN A 258 -0.93 3.99 10.37
C GLN A 258 -0.06 3.77 11.61
N ALA A 259 -0.23 2.65 12.30
CA ALA A 259 0.52 2.40 13.54
C ALA A 259 1.98 2.01 13.21
N VAL A 260 2.16 1.18 12.19
CA VAL A 260 3.49 0.88 11.70
C VAL A 260 4.21 2.16 11.31
N ARG A 261 3.51 2.99 10.53
CA ARG A 261 4.05 4.22 9.99
C ARG A 261 4.47 5.14 11.12
N ALA A 262 3.57 5.33 12.09
CA ALA A 262 3.90 6.20 13.22
C ALA A 262 5.18 5.67 13.90
N GLY A 263 5.30 4.35 14.03
CA GLY A 263 6.50 3.74 14.60
C GLY A 263 7.78 4.13 13.87
N THR A 264 7.73 4.11 12.53
CA THR A 264 8.91 4.42 11.73
C THR A 264 9.37 5.87 11.91
N ARG A 265 8.44 6.77 12.18
CA ARG A 265 8.75 8.19 12.33
C ARG A 265 9.73 8.43 13.47
N TRP A 266 9.62 7.64 14.53
CA TRP A 266 10.59 7.73 15.62
C TRP A 266 11.99 7.55 15.09
N PHE A 267 12.14 6.62 14.16
CA PHE A 267 13.44 6.29 13.57
C PHE A 267 13.87 7.27 12.50
N GLN A 268 12.95 7.68 11.63
CA GLN A 268 13.28 8.62 10.56
C GLN A 268 13.73 9.96 11.13
N ALA A 269 13.32 10.23 12.37
CA ALA A 269 13.66 11.47 13.03
C ALA A 269 15.13 11.53 13.47
N CYS A 270 15.88 10.46 13.20
CA CYS A 270 17.22 10.27 13.77
C CYS A 270 18.21 11.36 13.39
N HIS A 271 18.13 11.85 12.17
CA HIS A 271 19.04 12.90 11.76
C HIS A 271 18.80 14.15 12.59
N GLN A 272 17.52 14.51 12.78
CA GLN A 272 17.17 15.66 13.60
C GLN A 272 17.61 15.48 15.05
N ASP A 273 17.43 14.27 15.56
CA ASP A 273 17.83 13.97 16.93
C ASP A 273 19.35 14.14 17.08
N ILE A 274 20.09 13.72 16.05
CA ILE A 274 21.55 13.81 16.09
C ILE A 274 22.00 15.26 16.11
N THR A 275 21.37 16.09 15.27
CA THR A 275 21.62 17.52 15.23
C THR A 275 21.29 18.18 16.58
N ASP A 276 20.14 17.83 17.15
CA ASP A 276 19.73 18.37 18.44
C ASP A 276 20.76 17.97 19.51
N GLN A 277 21.22 16.73 19.45
CA GLN A 277 22.13 16.20 20.45
C GLN A 277 23.42 17.04 20.48
N ALA A 278 23.85 17.53 19.33
CA ALA A 278 25.04 18.37 19.25
C ALA A 278 24.82 19.65 20.04
N GLY A 279 23.56 20.01 20.27
CA GLY A 279 23.25 21.24 20.95
C GLY A 279 23.16 21.10 22.46
N TYR A 280 23.20 19.85 22.94
CA TYR A 280 23.01 19.60 24.36
C TYR A 280 24.32 19.76 25.13
N GLY A 281 24.26 20.44 26.27
CA GLY A 281 25.38 20.50 27.17
C GLY A 281 25.29 19.18 27.90
N LYS A 282 26.31 18.84 28.67
CA LYS A 282 26.28 17.58 29.41
C LYS A 282 25.23 17.62 30.52
N LEU A 283 24.56 16.49 30.71
CA LEU A 283 23.60 16.32 31.79
C LEU A 283 24.33 16.33 33.13
N THR A 284 23.86 17.14 34.08
CA THR A 284 24.54 17.25 35.37
C THR A 284 23.77 16.71 36.57
N MET A 285 22.48 16.40 36.38
CA MET A 285 21.75 15.74 37.45
C MET A 285 22.14 14.27 37.45
N PRO A 286 21.84 13.56 38.54
CA PRO A 286 22.14 12.14 38.62
C PRO A 286 21.57 11.35 37.42
N VAL A 287 22.42 10.52 36.83
CA VAL A 287 22.06 9.73 35.66
C VAL A 287 22.28 8.26 35.96
N LEU A 288 21.32 7.43 35.58
CA LEU A 288 21.50 6.00 35.73
C LEU A 288 21.45 5.34 34.35
N GLY A 289 22.45 4.54 34.04
CA GLY A 289 22.40 3.70 32.85
C GLY A 289 22.28 2.25 33.25
N ILE A 290 21.24 1.56 32.77
CA ILE A 290 21.17 0.11 32.97
C ILE A 290 21.44 -0.54 31.62
N GLY A 291 22.52 -1.32 31.52
CA GLY A 291 22.92 -1.87 30.23
C GLY A 291 22.79 -3.39 30.20
N GLY A 292 22.34 -3.91 29.06
CA GLY A 292 22.29 -5.35 28.84
C GLY A 292 23.69 -5.91 28.69
N ASN A 293 23.80 -7.24 28.66
CA ASN A 293 25.09 -7.91 28.75
C ASN A 293 26.02 -7.56 27.61
N PHE A 294 25.46 -7.13 26.48
CA PHE A 294 26.29 -6.95 25.30
C PHE A 294 26.32 -5.49 24.84
N THR A 295 25.50 -4.65 25.46
CA THR A 295 25.45 -3.22 25.18
C THR A 295 26.03 -2.35 26.30
N PHE A 296 26.32 -2.97 27.43
CA PHE A 296 26.68 -2.26 28.66
C PHE A 296 27.85 -1.31 28.48
N GLU A 297 28.93 -1.80 27.89
CA GLU A 297 30.14 -1.01 27.86
C GLU A 297 30.00 0.14 26.87
N ASP A 298 29.26 -0.06 25.78
CA ASP A 298 28.98 1.06 24.89
C ASP A 298 28.05 2.09 25.55
N LEU A 299 27.09 1.63 26.36
CA LEU A 299 26.23 2.57 27.05
C LEU A 299 27.02 3.37 28.08
N ARG A 300 27.91 2.70 28.80
CA ARG A 300 28.75 3.39 29.77
C ARG A 300 29.60 4.46 29.09
N ASN A 301 30.16 4.14 27.93
CA ASN A 301 30.99 5.10 27.23
C ASN A 301 30.20 6.33 26.82
N LYS A 302 29.02 6.13 26.24
CA LYS A 302 28.23 7.24 25.76
C LYS A 302 27.76 8.09 26.93
N LEU A 303 27.27 7.46 27.99
CA LEU A 303 26.76 8.23 29.14
C LEU A 303 27.89 8.99 29.85
N THR A 304 29.07 8.37 30.01
CA THR A 304 30.18 9.06 30.67
C THR A 304 30.67 10.29 29.88
N ALA A 305 30.50 10.24 28.56
CA ALA A 305 30.85 11.35 27.69
C ALA A 305 29.79 12.46 27.68
N GLN A 306 28.55 12.09 27.94
CA GLN A 306 27.45 13.04 27.77
C GLN A 306 26.80 13.49 29.08
N ALA A 307 27.30 12.96 30.20
CA ALA A 307 26.72 13.21 31.51
C ALA A 307 27.84 13.15 32.54
N THR A 308 27.73 13.97 33.59
CA THR A 308 28.80 14.15 34.57
C THR A 308 28.65 13.36 35.85
N ASP A 309 27.41 12.95 36.17
CA ASP A 309 27.17 12.15 37.38
C ASP A 309 26.47 10.85 36.99
N VAL A 310 27.25 9.91 36.46
CA VAL A 310 26.69 8.71 35.85
C VAL A 310 26.90 7.52 36.77
N HIS A 311 25.85 6.75 36.94
CA HIS A 311 25.93 5.51 37.67
C HIS A 311 25.54 4.41 36.70
N MET A 312 26.20 3.25 36.79
CA MET A 312 25.91 2.17 35.84
C MET A 312 25.48 0.89 36.55
N VAL A 313 24.58 0.16 35.90
CA VAL A 313 24.15 -1.15 36.38
C VAL A 313 24.13 -2.12 35.20
N ARG A 314 24.66 -3.33 35.39
CA ARG A 314 24.72 -4.32 34.32
C ARG A 314 23.60 -5.36 34.46
N ALA A 315 22.71 -5.45 33.48
CA ALA A 315 21.70 -6.49 33.47
C ALA A 315 22.24 -7.69 32.69
N SER A 316 23.02 -8.52 33.39
CA SER A 316 23.84 -9.56 32.79
C SER A 316 23.08 -10.67 32.09
N LYS A 317 21.81 -10.81 32.41
CA LYS A 317 21.06 -11.94 31.87
C LYS A 317 20.14 -11.45 30.77
N SER A 318 20.34 -10.19 30.39
CA SER A 318 19.50 -9.54 29.40
C SER A 318 20.26 -9.17 28.13
N VAL A 319 19.55 -9.26 27.01
CA VAL A 319 20.06 -8.71 25.77
C VAL A 319 19.51 -7.30 25.53
N HIS A 320 18.18 -7.08 25.63
CA HIS A 320 17.67 -5.73 25.37
C HIS A 320 16.41 -5.29 26.12
N TYR A 321 15.42 -6.18 26.22
CA TYR A 321 14.12 -5.85 26.80
C TYR A 321 14.18 -5.92 28.31
N LEU A 322 14.95 -5.01 28.89
CA LEU A 322 15.34 -5.08 30.31
C LEU A 322 14.13 -5.18 31.25
N PRO A 323 13.12 -4.33 31.05
CA PRO A 323 12.01 -4.39 32.00
C PRO A 323 11.34 -5.75 31.96
N GLU A 324 11.44 -6.45 30.82
CA GLU A 324 10.84 -7.78 30.72
C GLU A 324 11.83 -8.92 30.94
N GLU A 325 13.12 -8.72 30.63
CA GLU A 325 14.11 -9.79 30.79
C GLU A 325 14.60 -9.94 32.24
N GLU A 326 14.82 -8.82 32.91
CA GLU A 326 15.25 -8.82 34.31
C GLU A 326 14.56 -7.74 35.13
N PRO A 327 13.25 -7.89 35.35
CA PRO A 327 12.48 -6.89 36.11
C PRO A 327 13.01 -6.73 37.52
N ASP A 328 13.55 -7.82 38.07
CA ASP A 328 14.05 -7.76 39.44
C ASP A 328 15.19 -6.76 39.51
N VAL A 329 16.07 -6.78 38.51
CA VAL A 329 17.17 -5.82 38.43
C VAL A 329 16.72 -4.39 38.15
N VAL A 330 15.76 -4.23 37.23
CA VAL A 330 15.30 -2.89 36.90
C VAL A 330 14.55 -2.24 38.07
N ALA A 331 13.61 -2.97 38.67
CA ALA A 331 12.87 -2.42 39.80
C ALA A 331 13.86 -2.06 40.94
N GLY A 332 14.71 -3.00 41.30
CA GLY A 332 15.68 -2.78 42.36
C GLY A 332 16.60 -1.62 42.05
N ALA A 333 17.09 -1.54 40.82
CA ALA A 333 18.03 -0.49 40.43
C ALA A 333 17.38 0.89 40.52
N LEU A 334 16.16 0.97 40.02
CA LEU A 334 15.43 2.23 40.02
C LEU A 334 15.07 2.67 41.45
N LEU A 335 14.65 1.74 42.27
CA LEU A 335 14.29 2.04 43.66
C LEU A 335 15.51 2.56 44.44
N ASP A 336 16.67 1.92 44.26
CA ASP A 336 17.88 2.39 44.95
C ASP A 336 18.36 3.70 44.37
N PHE A 337 18.19 3.87 43.07
CA PHE A 337 18.69 5.07 42.38
C PHE A 337 17.83 6.28 42.67
N PHE A 338 16.51 6.17 42.50
CA PHE A 338 15.63 7.33 42.70
C PHE A 338 15.44 7.66 44.18
N GLY A 339 15.53 6.65 45.04
CA GLY A 339 15.46 6.86 46.47
C GLY A 339 14.11 7.34 46.97
N GLY B 47 5.66 3.24 -21.52
CA GLY B 47 7.01 3.78 -21.36
C GLY B 47 7.11 5.29 -21.30
N PRO B 48 8.34 5.83 -21.40
CA PRO B 48 8.55 7.27 -21.29
C PRO B 48 7.76 8.08 -22.33
N VAL B 49 7.39 9.29 -21.96
CA VAL B 49 6.67 10.20 -22.85
C VAL B 49 7.47 11.51 -22.99
N PRO B 50 7.12 12.33 -23.98
CA PRO B 50 7.86 13.59 -24.10
C PRO B 50 7.73 14.45 -22.84
N SER B 51 8.76 15.24 -22.56
CA SER B 51 8.72 16.20 -21.45
C SER B 51 7.73 17.31 -21.78
N ASP B 52 7.36 18.09 -20.76
CA ASP B 52 6.44 19.19 -20.96
C ASP B 52 7.03 20.25 -21.89
N ARG B 53 8.35 20.45 -21.87
CA ARG B 53 9.01 21.34 -22.84
C ARG B 53 8.88 20.88 -24.29
N GLU B 54 9.04 19.58 -24.55
CA GLU B 54 8.86 19.02 -25.90
C GLU B 54 7.41 19.20 -26.35
N LEU B 55 6.50 18.84 -25.45
CA LEU B 55 5.08 18.97 -25.74
C LEU B 55 4.72 20.42 -26.05
N ALA B 56 5.21 21.34 -25.23
CA ALA B 56 4.88 22.76 -25.40
C ALA B 56 5.36 23.27 -26.76
N ARG B 57 6.58 22.89 -27.14
CA ARG B 57 7.18 23.35 -28.38
C ARG B 57 6.54 22.74 -29.62
N SER B 58 5.84 21.63 -29.45
CA SER B 58 5.18 20.94 -30.56
C SER B 58 3.93 21.68 -31.04
N LEU B 59 3.48 22.67 -30.27
CA LEU B 59 2.25 23.39 -30.60
C LEU B 59 2.54 24.67 -31.39
N PRO B 60 1.78 24.89 -32.48
CA PRO B 60 1.95 26.18 -33.15
C PRO B 60 1.52 27.32 -32.24
N GLY B 61 2.09 28.51 -32.40
CA GLY B 61 1.75 29.61 -31.52
C GLY B 61 2.83 30.01 -30.52
N GLY B 62 3.97 29.31 -30.54
CA GLY B 62 5.11 29.68 -29.72
C GLY B 62 4.90 29.53 -28.23
N PHE B 63 4.52 28.32 -27.81
CA PHE B 63 4.31 28.05 -26.40
C PHE B 63 5.60 27.61 -25.68
N ARG B 64 5.69 27.99 -24.41
CA ARG B 64 6.85 27.67 -23.59
C ARG B 64 6.43 27.09 -22.24
N SER B 65 7.10 26.01 -21.83
CA SER B 65 6.85 25.39 -20.54
C SER B 65 7.64 26.13 -19.45
N ARG B 66 6.98 26.51 -18.36
CA ARG B 66 7.61 27.30 -17.29
C ARG B 66 7.18 26.88 -15.87
N HIS B 67 7.81 27.49 -14.86
CA HIS B 67 7.37 27.32 -13.48
C HIS B 67 7.34 28.63 -12.74
N ALA B 68 6.67 28.61 -11.61
CA ALA B 68 6.59 29.76 -10.74
C ALA B 68 6.26 29.24 -9.37
N ARG B 69 6.82 29.85 -8.32
CA ARG B 69 6.48 29.40 -6.98
C ARG B 69 5.51 30.42 -6.36
N VAL B 70 4.37 29.96 -5.88
CA VAL B 70 3.44 30.86 -5.22
C VAL B 70 3.19 30.40 -3.80
N GLY B 71 3.58 31.24 -2.85
CA GLY B 71 3.36 30.92 -1.46
C GLY B 71 3.98 29.59 -1.09
N GLY B 72 5.14 29.29 -1.66
CA GLY B 72 5.85 28.06 -1.37
C GLY B 72 5.49 26.84 -2.22
N VAL B 73 4.41 26.93 -2.99
CA VAL B 73 4.01 25.83 -3.86
C VAL B 73 4.44 26.12 -5.30
N ARG B 74 5.12 25.15 -5.90
CA ARG B 74 5.64 25.30 -7.26
C ARG B 74 4.63 24.80 -8.29
N LEU B 75 4.23 25.69 -9.19
CA LEU B 75 3.27 25.36 -10.23
C LEU B 75 3.93 25.27 -11.59
N HIS B 76 3.53 24.28 -12.38
CA HIS B 76 3.94 24.22 -13.77
C HIS B 76 2.86 24.86 -14.64
N TYR B 77 3.27 25.64 -15.63
CA TYR B 77 2.32 26.15 -16.60
C TYR B 77 2.99 26.29 -17.97
N VAL B 78 2.16 26.38 -19.00
CA VAL B 78 2.58 26.61 -20.37
C VAL B 78 1.89 27.85 -20.93
N SER B 79 2.66 28.82 -21.40
CA SER B 79 2.05 30.02 -21.96
C SER B 79 2.61 30.34 -23.33
N GLY B 80 1.85 31.15 -24.07
CA GLY B 80 2.20 31.57 -25.43
C GLY B 80 1.07 32.45 -25.91
N GLY B 81 1.23 33.05 -27.10
CA GLY B 81 0.20 33.88 -27.68
C GLY B 81 0.32 35.33 -27.26
N HIS B 82 -0.52 36.19 -27.84
CA HIS B 82 -0.51 37.63 -27.55
C HIS B 82 -1.93 38.21 -27.45
N GLY B 83 -2.12 39.16 -26.53
CA GLY B 83 -3.43 39.77 -26.31
C GLY B 83 -3.71 39.72 -24.82
N GLU B 84 -4.99 39.84 -24.45
CA GLU B 84 -5.38 39.79 -23.04
C GLU B 84 -5.16 38.38 -22.50
N PRO B 85 -4.83 38.28 -21.20
CA PRO B 85 -4.49 37.00 -20.58
C PRO B 85 -5.71 36.08 -20.49
N LEU B 86 -5.47 34.80 -20.75
CA LEU B 86 -6.51 33.77 -20.64
C LEU B 86 -5.97 32.56 -19.90
N LEU B 87 -6.45 32.38 -18.69
CA LEU B 87 -6.07 31.29 -17.80
C LEU B 87 -6.91 30.06 -18.16
N LEU B 88 -6.26 28.94 -18.46
CA LEU B 88 -6.95 27.70 -18.78
C LEU B 88 -6.67 26.66 -17.71
N VAL B 89 -7.73 26.10 -17.13
CA VAL B 89 -7.57 25.17 -16.01
C VAL B 89 -8.19 23.82 -16.34
N PRO B 90 -7.36 22.76 -16.30
CA PRO B 90 -7.80 21.40 -16.59
C PRO B 90 -8.28 20.64 -15.33
N GLY B 91 -8.76 19.41 -15.50
CA GLY B 91 -9.24 18.61 -14.38
C GLY B 91 -8.71 17.19 -14.30
N TRP B 92 -9.50 16.30 -13.70
CA TRP B 92 -9.07 14.94 -13.41
C TRP B 92 -9.54 13.94 -14.49
N PRO B 93 -8.68 12.96 -14.87
CA PRO B 93 -7.25 12.83 -14.56
C PRO B 93 -6.42 13.33 -15.74
N GLN B 94 -6.30 14.62 -15.89
CA GLN B 94 -5.67 15.21 -17.07
C GLN B 94 -4.60 16.20 -16.63
N THR B 95 -4.07 16.91 -17.60
CA THR B 95 -3.06 17.92 -17.33
C THR B 95 -3.33 19.06 -18.29
N TRP B 96 -2.47 20.07 -18.25
CA TRP B 96 -2.55 21.20 -19.16
C TRP B 96 -2.71 20.77 -20.62
N TRP B 97 -2.22 19.56 -20.91
CA TRP B 97 -2.20 18.98 -22.26
C TRP B 97 -3.62 18.74 -22.81
N ALA B 98 -4.62 18.78 -21.93
CA ALA B 98 -6.02 18.63 -22.33
C ALA B 98 -6.48 19.75 -23.28
N TYR B 99 -5.84 20.93 -23.19
CA TYR B 99 -6.21 22.09 -24.01
C TYR B 99 -5.41 22.20 -25.31
N ARG B 100 -4.65 21.15 -25.63
CA ARG B 100 -3.75 21.19 -26.80
C ARG B 100 -4.45 21.57 -28.11
N LYS B 101 -5.70 21.15 -28.28
CA LYS B 101 -6.42 21.38 -29.54
C LYS B 101 -6.94 22.81 -29.71
N VAL B 102 -7.05 23.56 -28.61
CA VAL B 102 -7.60 24.91 -28.68
C VAL B 102 -6.56 26.00 -28.37
N MET B 103 -5.43 25.60 -27.76
CA MET B 103 -4.45 26.60 -27.35
C MET B 103 -3.95 27.40 -28.55
N PRO B 104 -3.69 26.74 -29.69
CA PRO B 104 -3.19 27.53 -30.82
C PRO B 104 -4.18 28.56 -31.34
N GLN B 105 -5.44 28.19 -31.53
CA GLN B 105 -6.41 29.16 -32.00
C GLN B 105 -6.53 30.29 -30.98
N LEU B 106 -6.61 29.93 -29.70
CA LEU B 106 -6.76 30.93 -28.65
C LEU B 106 -5.56 31.85 -28.59
N ALA B 107 -4.39 31.30 -28.91
CA ALA B 107 -3.17 32.07 -28.87
C ALA B 107 -3.14 33.16 -29.96
N ARG B 108 -4.00 33.05 -30.98
CA ARG B 108 -4.03 34.07 -32.03
C ARG B 108 -4.63 35.37 -31.45
N ARG B 109 -5.39 35.24 -30.37
CA ARG B 109 -6.09 36.39 -29.78
C ARG B 109 -5.68 36.68 -28.33
N TYR B 110 -5.31 35.64 -27.58
CA TYR B 110 -4.99 35.80 -26.15
C TYR B 110 -3.58 35.38 -25.77
N HIS B 111 -3.05 35.98 -24.70
CA HIS B 111 -1.86 35.44 -24.07
C HIS B 111 -2.33 34.30 -23.19
N VAL B 112 -2.21 33.08 -23.72
CA VAL B 112 -2.72 31.89 -23.07
C VAL B 112 -1.79 31.41 -21.95
N ILE B 113 -2.40 31.12 -20.80
CA ILE B 113 -1.71 30.52 -19.65
C ILE B 113 -2.42 29.24 -19.24
N ALA B 114 -1.87 28.11 -19.66
CA ALA B 114 -2.44 26.81 -19.34
C ALA B 114 -1.70 26.17 -18.16
N VAL B 115 -2.42 25.91 -17.07
CA VAL B 115 -1.79 25.54 -15.81
C VAL B 115 -2.02 24.08 -15.42
N ASP B 116 -1.06 23.53 -14.67
CA ASP B 116 -1.28 22.28 -13.94
C ASP B 116 -1.67 22.72 -12.53
N LEU B 117 -2.79 22.23 -12.03
CA LEU B 117 -3.22 22.56 -10.67
C LEU B 117 -2.24 22.03 -9.64
N ARG B 118 -2.29 22.60 -8.44
CA ARG B 118 -1.68 21.98 -7.28
C ARG B 118 -2.10 20.49 -7.28
N GLY B 119 -1.12 19.58 -7.21
CA GLY B 119 -1.43 18.16 -7.25
C GLY B 119 -1.45 17.51 -8.63
N MET B 120 -1.26 18.32 -9.67
CA MET B 120 -1.38 17.86 -11.07
C MET B 120 -0.10 18.00 -11.89
N GLY B 121 0.20 17.00 -12.71
CA GLY B 121 1.23 17.11 -13.74
C GLY B 121 2.60 17.53 -13.22
N GLY B 122 3.08 18.66 -13.72
CA GLY B 122 4.38 19.20 -13.33
C GLY B 122 4.39 20.06 -12.08
N SER B 123 3.22 20.28 -11.45
CA SER B 123 3.12 21.09 -10.22
C SER B 123 3.44 20.28 -8.97
N ASP B 124 3.83 20.96 -7.89
CA ASP B 124 4.07 20.29 -6.59
C ASP B 124 2.81 19.61 -6.09
N LYS B 125 2.99 18.58 -5.25
CA LYS B 125 1.84 17.90 -4.67
C LYS B 125 2.01 17.96 -3.14
N PRO B 126 1.70 19.11 -2.53
CA PRO B 126 1.86 19.21 -1.07
C PRO B 126 0.83 18.38 -0.30
N ALA B 127 0.92 18.39 1.03
CA ALA B 127 0.06 17.57 1.87
C ALA B 127 -1.41 17.96 1.76
N GLY B 128 -1.69 19.26 1.74
CA GLY B 128 -3.08 19.71 1.67
C GLY B 128 -3.33 20.91 0.77
N GLY B 129 -4.45 21.60 0.99
CA GLY B 129 -4.81 22.76 0.18
C GLY B 129 -5.48 22.45 -1.15
N TYR B 130 -6.21 21.34 -1.19
CA TYR B 130 -6.83 20.83 -2.43
C TYR B 130 -8.31 21.20 -2.52
N ASP B 131 -8.77 22.00 -1.56
CA ASP B 131 -10.07 22.66 -1.65
C ASP B 131 -9.97 23.69 -2.77
N LYS B 132 -11.08 23.94 -3.47
CA LYS B 132 -11.01 24.78 -4.67
C LYS B 132 -10.66 26.22 -4.34
N LYS B 133 -11.02 26.67 -3.13
CA LYS B 133 -10.67 28.03 -2.72
C LYS B 133 -9.16 28.23 -2.69
N THR B 134 -8.45 27.32 -2.02
CA THR B 134 -7.00 27.41 -1.91
C THR B 134 -6.35 27.29 -3.28
N MET B 135 -6.86 26.39 -4.12
CA MET B 135 -6.29 26.18 -5.45
C MET B 135 -6.49 27.40 -6.30
N ALA B 136 -7.65 28.05 -6.13
CA ALA B 136 -7.90 29.29 -6.86
C ALA B 136 -6.94 30.39 -6.39
N ALA B 137 -6.69 30.44 -5.08
CA ALA B 137 -5.75 31.41 -4.51
C ALA B 137 -4.36 31.14 -5.10
N ASP B 138 -4.02 29.86 -5.29
CA ASP B 138 -2.80 29.50 -6.01
C ASP B 138 -2.72 30.22 -7.37
N LEU B 139 -3.78 30.06 -8.16
CA LEU B 139 -3.77 30.61 -9.52
C LEU B 139 -3.81 32.13 -9.52
N HIS B 140 -4.48 32.69 -8.51
CA HIS B 140 -4.55 34.15 -8.36
C HIS B 140 -3.16 34.76 -8.19
N ALA B 141 -2.39 34.21 -7.24
CA ALA B 141 -1.01 34.66 -7.02
C ALA B 141 -0.17 34.47 -8.29
N LEU B 142 -0.43 33.39 -9.03
CA LEU B 142 0.31 33.13 -10.26
C LEU B 142 0.10 34.26 -11.26
N VAL B 143 -1.14 34.55 -11.60
CA VAL B 143 -1.36 35.57 -12.63
C VAL B 143 -0.97 36.96 -12.14
N ARG B 144 -1.14 37.22 -10.85
CA ARG B 144 -0.70 38.51 -10.30
C ARG B 144 0.84 38.55 -10.32
N GLY B 145 1.48 37.43 -10.00
CA GLY B 145 2.93 37.37 -10.08
C GLY B 145 3.44 37.58 -11.50
N LEU B 146 2.65 37.16 -12.47
CA LEU B 146 3.00 37.32 -13.89
C LEU B 146 2.61 38.71 -14.38
N GLY B 147 2.06 39.51 -13.46
CA GLY B 147 1.74 40.89 -13.75
C GLY B 147 0.41 41.17 -14.40
N HIS B 148 -0.54 40.24 -14.28
CA HIS B 148 -1.89 40.51 -14.76
C HIS B 148 -2.82 40.91 -13.62
N ARG B 149 -3.46 42.07 -13.74
CA ARG B 149 -4.37 42.57 -12.72
C ARG B 149 -5.73 41.87 -12.89
N GLN B 150 -6.15 41.66 -14.13
CA GLN B 150 -7.35 40.87 -14.42
C GLN B 150 -7.14 39.89 -15.56
N VAL B 151 -7.82 38.76 -15.48
CA VAL B 151 -7.73 37.75 -16.52
C VAL B 151 -9.08 37.18 -16.89
N ASN B 152 -9.14 36.70 -18.13
CA ASN B 152 -10.18 35.80 -18.55
C ASN B 152 -9.82 34.43 -18.03
N VAL B 153 -10.82 33.68 -17.61
CA VAL B 153 -10.60 32.37 -17.01
C VAL B 153 -11.53 31.33 -17.58
N ALA B 154 -10.97 30.17 -17.94
CA ALA B 154 -11.77 29.03 -18.35
C ALA B 154 -11.31 27.82 -17.60
N GLY B 155 -12.26 27.00 -17.14
CA GLY B 155 -11.89 25.80 -16.44
C GLY B 155 -12.76 24.63 -16.84
N HIS B 156 -12.17 23.46 -16.79
CA HIS B 156 -12.84 22.23 -17.12
C HIS B 156 -12.72 21.20 -16.01
N ASP B 157 -13.83 20.50 -15.77
CA ASP B 157 -13.83 19.40 -14.82
C ASP B 157 -13.48 19.98 -13.43
N ILE B 158 -12.58 19.32 -12.71
CA ILE B 158 -12.08 19.87 -11.45
C ILE B 158 -11.68 21.32 -11.60
N GLY B 159 -11.05 21.62 -12.75
CA GLY B 159 -10.58 22.96 -13.07
C GLY B 159 -11.70 23.96 -13.27
N SER B 160 -12.89 23.47 -13.62
CA SER B 160 -14.03 24.36 -13.69
C SER B 160 -14.42 24.79 -12.27
N MET B 161 -14.35 23.85 -11.32
CA MET B 161 -14.62 24.19 -9.94
C MET B 161 -13.70 25.30 -9.45
N VAL B 162 -12.42 25.16 -9.78
CA VAL B 162 -11.41 26.14 -9.42
C VAL B 162 -11.63 27.47 -10.10
N ALA B 163 -12.02 27.44 -11.37
CA ALA B 163 -12.35 28.67 -12.10
C ALA B 163 -13.45 29.45 -11.37
N PHE B 164 -14.47 28.72 -10.92
CA PHE B 164 -15.60 29.33 -10.25
C PHE B 164 -15.11 29.88 -8.92
N ALA B 165 -14.33 29.09 -8.20
CA ALA B 165 -13.77 29.55 -6.92
C ALA B 165 -12.92 30.81 -7.09
N PHE B 166 -12.24 30.88 -8.22
CA PHE B 166 -11.44 32.05 -8.59
C PHE B 166 -12.36 33.26 -8.77
N ALA B 167 -13.42 33.12 -9.57
CA ALA B 167 -14.34 34.24 -9.77
C ALA B 167 -14.99 34.64 -8.45
N ALA B 168 -15.26 33.67 -7.58
CA ALA B 168 -15.98 33.92 -6.34
C ALA B 168 -15.10 34.58 -5.28
N ASN B 169 -13.85 34.14 -5.18
CA ASN B 169 -12.95 34.66 -4.15
C ASN B 169 -12.12 35.84 -4.67
N HIS B 170 -11.99 35.95 -6.00
CA HIS B 170 -11.16 37.00 -6.59
C HIS B 170 -11.86 37.72 -7.75
N PRO B 171 -13.02 38.32 -7.45
CA PRO B 171 -13.78 39.01 -8.50
C PRO B 171 -12.96 40.11 -9.18
N GLU B 172 -12.12 40.81 -8.42
CA GLU B 172 -11.36 41.92 -8.99
C GLU B 172 -10.33 41.47 -10.02
N ALA B 173 -9.94 40.20 -9.96
CA ALA B 173 -8.98 39.63 -10.90
C ALA B 173 -9.65 38.76 -11.97
N THR B 174 -10.98 38.80 -12.00
CA THR B 174 -11.76 37.99 -12.94
C THR B 174 -12.47 38.90 -13.96
N ARG B 175 -12.01 38.93 -15.20
CA ARG B 175 -12.64 39.74 -16.23
C ARG B 175 -13.95 39.07 -16.66
N LYS B 176 -13.85 37.84 -17.10
CA LYS B 176 -14.99 36.99 -17.39
C LYS B 176 -14.59 35.56 -17.03
N VAL B 177 -15.57 34.69 -16.77
CA VAL B 177 -15.22 33.30 -16.46
C VAL B 177 -16.10 32.31 -17.22
N ALA B 178 -15.46 31.25 -17.72
CA ALA B 178 -16.15 30.17 -18.42
C ALA B 178 -15.99 28.85 -17.70
N LEU B 179 -17.12 28.19 -17.47
CA LEU B 179 -17.12 26.90 -16.81
C LEU B 179 -17.46 25.84 -17.84
N LEU B 180 -16.54 24.91 -18.06
CA LEU B 180 -16.73 23.85 -19.03
C LEU B 180 -17.25 22.58 -18.35
N ASP B 181 -18.55 22.35 -18.55
CA ASP B 181 -19.27 21.14 -18.15
C ASP B 181 -19.53 20.94 -16.65
N THR B 182 -18.62 21.40 -15.80
CA THR B 182 -18.68 21.02 -14.39
C THR B 182 -18.98 22.21 -13.49
N PRO B 183 -20.11 22.13 -12.75
CA PRO B 183 -20.46 23.17 -11.79
C PRO B 183 -19.70 23.01 -10.48
N HIS B 184 -19.63 24.07 -9.67
CA HIS B 184 -19.01 23.99 -8.35
C HIS B 184 -19.86 23.09 -7.47
N PRO B 185 -19.22 22.31 -6.60
CA PRO B 185 -19.99 21.50 -5.66
C PRO B 185 -20.96 22.31 -4.79
N ASP B 186 -22.13 21.76 -4.53
CA ASP B 186 -23.07 22.33 -3.55
C ASP B 186 -23.83 21.19 -2.88
N GLN B 187 -24.95 21.50 -2.26
CA GLN B 187 -25.73 20.51 -1.53
C GLN B 187 -26.30 19.39 -2.41
N SER B 188 -26.53 19.69 -3.69
CA SER B 188 -27.04 18.67 -4.62
C SER B 188 -26.07 17.47 -4.71
N GLU B 189 -24.82 17.67 -4.31
CA GLU B 189 -23.87 16.56 -4.33
C GLU B 189 -24.32 15.42 -3.40
N TYR B 190 -24.98 15.77 -2.29
CA TYR B 190 -25.42 14.77 -1.32
C TYR B 190 -26.67 14.01 -1.80
N GLU B 191 -27.25 14.43 -2.91
CA GLU B 191 -28.40 13.74 -3.51
C GLU B 191 -28.02 12.89 -4.70
N MET B 192 -26.79 12.98 -5.17
CA MET B 192 -26.37 12.19 -6.30
C MET B 192 -26.57 10.69 -6.02
N ARG B 193 -27.10 9.99 -7.01
CA ARG B 193 -27.42 8.56 -6.89
C ARG B 193 -26.29 7.62 -7.34
N ILE B 194 -26.09 6.54 -6.58
CA ILE B 194 -25.06 5.54 -6.90
C ILE B 194 -25.29 4.72 -8.19
N LEU B 195 -26.51 4.25 -8.39
CA LEU B 195 -26.83 3.50 -9.60
C LEU B 195 -27.76 4.30 -10.49
N CYS B 196 -27.55 4.13 -11.78
CA CYS B 196 -28.41 4.70 -12.79
C CYS B 196 -29.28 3.53 -13.23
N ARG B 197 -30.51 3.82 -13.62
CA ARG B 197 -31.35 2.80 -14.23
C ARG B 197 -30.69 2.39 -15.53
N PRO B 198 -30.88 1.14 -15.96
CA PRO B 198 -30.22 0.63 -17.17
C PRO B 198 -30.55 1.51 -18.37
N GLY B 199 -29.57 1.82 -19.23
CA GLY B 199 -29.88 2.60 -20.42
C GLY B 199 -30.05 4.09 -20.23
N THR B 200 -29.79 4.60 -19.02
CA THR B 200 -29.88 6.03 -18.81
C THR B 200 -28.51 6.71 -18.72
N GLY B 201 -28.19 7.25 -17.54
CA GLY B 201 -26.98 8.03 -17.38
C GLY B 201 -25.75 7.20 -17.10
N THR B 202 -24.61 7.87 -17.02
CA THR B 202 -23.38 7.17 -16.73
C THR B 202 -23.14 7.10 -15.23
N THR B 203 -22.83 5.91 -14.76
CA THR B 203 -22.39 5.72 -13.40
C THR B 203 -21.16 6.60 -13.12
N LEU B 204 -21.30 7.59 -12.24
CA LEU B 204 -20.18 8.47 -11.91
C LEU B 204 -19.39 7.88 -10.74
N TRP B 205 -18.93 6.65 -10.94
CA TRP B 205 -18.35 5.86 -9.86
C TRP B 205 -17.18 6.54 -9.17
N TRP B 206 -16.37 7.27 -9.94
CA TRP B 206 -15.08 7.77 -9.42
C TRP B 206 -15.30 8.91 -8.44
N PHE B 207 -16.49 9.50 -8.46
CA PHE B 207 -16.87 10.45 -7.43
C PHE B 207 -16.95 9.77 -6.06
N ALA B 208 -17.46 8.53 -6.01
CA ALA B 208 -17.46 7.77 -4.75
C ALA B 208 -16.06 7.27 -4.41
N PHE B 209 -15.43 6.60 -5.38
CA PHE B 209 -14.12 5.96 -5.19
C PHE B 209 -13.02 6.95 -4.80
N ASN B 210 -13.04 8.14 -5.39
CA ASN B 210 -11.97 9.09 -5.12
C ASN B 210 -12.12 9.76 -3.74
N GLN B 211 -13.17 9.40 -3.01
CA GLN B 211 -13.33 9.85 -1.64
C GLN B 211 -12.45 9.03 -0.72
N LEU B 212 -12.09 7.84 -1.16
CA LEU B 212 -11.50 6.87 -0.24
C LEU B 212 -10.08 7.20 0.14
N GLN B 213 -9.71 6.79 1.35
CA GLN B 213 -8.33 6.85 1.80
C GLN B 213 -7.62 5.55 1.43
N ALA B 214 -6.37 5.70 0.97
CA ALA B 214 -5.44 4.59 0.68
C ALA B 214 -5.78 3.70 -0.53
N LEU B 215 -7.02 3.24 -0.64
CA LEU B 215 -7.40 2.27 -1.68
C LEU B 215 -7.14 2.75 -3.10
N PRO B 216 -7.41 4.04 -3.39
CA PRO B 216 -7.16 4.56 -4.74
C PRO B 216 -5.71 4.39 -5.19
N GLU B 217 -4.76 4.89 -4.39
CA GLU B 217 -3.38 4.74 -4.80
C GLU B 217 -3.03 3.25 -4.87
N GLN B 218 -3.56 2.46 -3.93
CA GLN B 218 -3.27 1.02 -3.90
C GLN B 218 -3.74 0.24 -5.14
N LEU B 219 -4.90 0.59 -5.65
CA LEU B 219 -5.48 -0.10 -6.81
C LEU B 219 -5.01 0.49 -8.15
N MET B 220 -4.79 1.81 -8.20
CA MET B 220 -4.56 2.47 -9.48
C MET B 220 -3.09 2.71 -9.83
N HIS B 221 -2.16 2.60 -8.86
CA HIS B 221 -0.75 2.92 -9.17
C HIS B 221 -0.23 2.00 -10.28
N GLY B 222 0.48 2.57 -11.25
CA GLY B 222 0.96 1.82 -12.40
C GLY B 222 -0.12 1.46 -13.43
N ARG B 223 -1.38 1.72 -13.10
CA ARG B 223 -2.51 1.24 -13.91
C ARG B 223 -3.46 2.34 -14.40
N MET B 224 -3.02 3.59 -14.40
CA MET B 224 -3.89 4.71 -14.73
C MET B 224 -4.31 4.72 -16.19
N ARG B 225 -3.52 4.09 -17.07
CA ARG B 225 -3.92 3.99 -18.45
C ARG B 225 -5.26 3.27 -18.56
N HIS B 226 -5.47 2.25 -17.73
CA HIS B 226 -6.75 1.53 -17.71
C HIS B 226 -7.91 2.44 -17.30
N VAL B 227 -7.65 3.31 -16.33
CA VAL B 227 -8.66 4.24 -15.86
C VAL B 227 -8.99 5.20 -16.98
N ILE B 228 -7.95 5.76 -17.61
CA ILE B 228 -8.12 6.68 -18.74
C ILE B 228 -8.87 6.02 -19.91
N ASP B 229 -8.52 4.78 -20.24
CA ASP B 229 -9.26 4.07 -21.29
C ASP B 229 -10.76 3.90 -20.95
N TRP B 230 -11.08 3.59 -19.69
CA TRP B 230 -12.49 3.44 -19.32
C TRP B 230 -13.23 4.75 -19.52
N LEU B 231 -12.64 5.85 -19.04
CA LEU B 231 -13.29 7.17 -19.12
C LEU B 231 -13.56 7.56 -20.59
N TYR B 232 -12.57 7.32 -21.43
CA TYR B 232 -12.73 7.65 -22.84
C TYR B 232 -13.71 6.70 -23.52
N ALA B 233 -13.71 5.42 -23.15
CA ALA B 233 -14.65 4.46 -23.76
C ALA B 233 -16.12 4.82 -23.45
N ASN B 234 -16.34 5.59 -22.39
CA ASN B 234 -17.68 6.02 -21.99
C ASN B 234 -17.93 7.50 -22.27
N SER B 235 -17.23 8.10 -23.21
CA SER B 235 -17.49 9.49 -23.53
C SER B 235 -17.25 9.81 -25.02
N LEU B 236 -16.09 9.45 -25.56
CA LEU B 236 -15.72 9.80 -26.93
C LEU B 236 -16.62 9.13 -27.97
N ALA B 237 -17.03 9.91 -28.97
CA ALA B 237 -17.82 9.38 -30.06
C ALA B 237 -16.93 8.55 -30.95
N ASP B 238 -15.63 8.89 -30.95
CA ASP B 238 -14.62 8.09 -31.64
C ASP B 238 -13.32 8.05 -30.81
N GLN B 239 -12.80 6.85 -30.54
CA GLN B 239 -11.66 6.74 -29.64
C GLN B 239 -10.42 7.47 -30.15
N SER B 240 -10.35 7.71 -31.46
CA SER B 240 -9.19 8.41 -32.01
C SER B 240 -9.22 9.92 -31.73
N LEU B 241 -10.28 10.40 -31.09
CA LEU B 241 -10.29 11.79 -30.65
C LEU B 241 -9.15 12.04 -29.61
N VAL B 242 -8.74 11.00 -28.90
CA VAL B 242 -7.60 11.08 -27.99
C VAL B 242 -6.69 9.88 -28.23
N GLY B 243 -5.55 10.11 -28.86
CA GLY B 243 -4.66 9.03 -29.29
C GLY B 243 -3.91 8.35 -28.17
N ASP B 244 -3.22 7.25 -28.48
CA ASP B 244 -2.44 6.49 -27.49
C ASP B 244 -1.40 7.34 -26.74
N LEU B 245 -0.66 8.17 -27.46
CA LEU B 245 0.40 8.97 -26.85
C LEU B 245 -0.21 9.94 -25.85
N ASP B 246 -1.34 10.55 -26.23
CA ASP B 246 -1.99 11.49 -25.35
C ASP B 246 -2.45 10.81 -24.06
N ARG B 247 -2.98 9.60 -24.19
CA ARG B 247 -3.45 8.84 -23.03
C ARG B 247 -2.27 8.45 -22.15
N ASP B 248 -1.14 8.12 -22.77
CA ASP B 248 0.03 7.76 -21.98
C ASP B 248 0.63 8.98 -21.28
N ILE B 249 0.46 10.16 -21.88
CA ILE B 249 0.92 11.40 -21.24
C ILE B 249 0.22 11.62 -19.91
N TYR B 250 -1.11 11.44 -19.90
CA TYR B 250 -1.87 11.52 -18.66
C TYR B 250 -1.51 10.38 -17.72
N ALA B 251 -1.43 9.16 -18.25
CA ALA B 251 -1.23 8.00 -17.39
C ALA B 251 0.11 8.15 -16.67
N ASN B 252 1.13 8.62 -17.39
CA ASN B 252 2.43 8.82 -16.77
C ASN B 252 2.39 9.91 -15.69
N ALA B 253 1.56 10.92 -15.90
CA ALA B 253 1.44 11.98 -14.90
C ALA B 253 0.83 11.48 -13.59
N TYR B 254 -0.11 10.55 -13.69
CA TYR B 254 -0.87 10.11 -12.51
C TYR B 254 -0.43 8.77 -11.91
N ASN B 255 0.53 8.11 -12.54
CA ASN B 255 0.75 6.69 -12.25
C ASN B 255 1.43 6.39 -10.90
N SER B 256 2.18 7.33 -10.34
CA SER B 256 2.79 7.10 -9.02
C SER B 256 1.71 7.18 -7.94
N PRO B 257 1.94 6.51 -6.80
CA PRO B 257 0.98 6.52 -5.68
C PRO B 257 0.69 7.95 -5.16
N GLN B 258 1.74 8.76 -5.08
CA GLN B 258 1.59 10.14 -4.65
C GLN B 258 0.73 10.95 -5.65
N ALA B 259 0.81 10.59 -6.93
CA ALA B 259 0.05 11.31 -7.95
C ALA B 259 -1.43 10.91 -7.92
N VAL B 260 -1.71 9.63 -7.73
CA VAL B 260 -3.09 9.15 -7.55
C VAL B 260 -3.72 9.83 -6.34
N ARG B 261 -2.99 9.79 -5.21
CA ARG B 261 -3.44 10.33 -3.93
C ARG B 261 -3.80 11.82 -4.02
N ALA B 262 -2.92 12.58 -4.66
CA ALA B 262 -3.10 14.01 -4.88
C ALA B 262 -4.37 14.27 -5.65
N GLY B 263 -4.61 13.45 -6.67
CA GLY B 263 -5.86 13.54 -7.43
C GLY B 263 -7.08 13.35 -6.55
N THR B 264 -7.04 12.36 -5.67
CA THR B 264 -8.18 12.06 -4.80
C THR B 264 -8.48 13.22 -3.88
N ARG B 265 -7.44 13.98 -3.50
CA ARG B 265 -7.61 15.10 -2.57
C ARG B 265 -8.55 16.14 -3.16
N TRP B 266 -8.51 16.32 -4.48
CA TRP B 266 -9.46 17.20 -5.16
C TRP B 266 -10.91 16.80 -4.87
N PHE B 267 -11.17 15.49 -4.85
CA PHE B 267 -12.52 14.98 -4.60
C PHE B 267 -12.89 14.95 -3.10
N GLN B 268 -11.97 14.54 -2.25
CA GLN B 268 -12.19 14.49 -0.79
C GLN B 268 -12.47 15.87 -0.20
N ALA B 269 -12.01 16.90 -0.88
CA ALA B 269 -12.25 18.27 -0.46
C ALA B 269 -13.71 18.73 -0.67
N CYS B 270 -14.58 17.84 -1.16
CA CYS B 270 -15.93 18.26 -1.58
C CYS B 270 -16.75 18.86 -0.43
N HIS B 271 -16.67 18.29 0.77
CA HIS B 271 -17.43 18.81 1.90
C HIS B 271 -16.96 20.21 2.25
N GLN B 272 -15.65 20.43 2.21
CA GLN B 272 -15.12 21.77 2.43
C GLN B 272 -15.57 22.72 1.30
N ASP B 273 -15.55 22.24 0.05
CA ASP B 273 -15.96 23.07 -1.09
C ASP B 273 -17.43 23.44 -0.97
N ILE B 274 -18.25 22.48 -0.54
CA ILE B 274 -19.69 22.72 -0.40
C ILE B 274 -19.94 23.76 0.70
N THR B 275 -19.22 23.63 1.82
CA THR B 275 -19.33 24.63 2.88
C THR B 275 -18.91 26.02 2.37
N ASP B 276 -17.79 26.09 1.63
CA ASP B 276 -17.33 27.37 1.09
C ASP B 276 -18.39 27.96 0.16
N GLN B 277 -18.99 27.10 -0.66
CA GLN B 277 -19.95 27.57 -1.67
C GLN B 277 -21.13 28.30 -1.03
N ALA B 278 -21.52 27.82 0.14
CA ALA B 278 -22.62 28.42 0.86
C ALA B 278 -22.29 29.86 1.27
N GLY B 279 -21.00 30.19 1.33
CA GLY B 279 -20.60 31.52 1.75
C GLY B 279 -20.50 32.49 0.59
N TYR B 280 -20.65 31.97 -0.62
CA TYR B 280 -20.46 32.77 -1.82
C TYR B 280 -21.71 33.53 -2.22
N GLY B 281 -21.53 34.81 -2.52
CA GLY B 281 -22.61 35.59 -3.11
C GLY B 281 -22.64 35.26 -4.58
N LYS B 282 -23.68 35.69 -5.27
CA LYS B 282 -23.83 35.48 -6.70
C LYS B 282 -22.68 36.18 -7.39
N LEU B 283 -22.13 35.56 -8.44
CA LEU B 283 -21.14 36.23 -9.28
C LEU B 283 -21.78 37.34 -10.09
N THR B 284 -21.11 38.50 -10.13
CA THR B 284 -21.66 39.66 -10.82
C THR B 284 -20.91 39.97 -12.11
N MET B 285 -19.77 39.32 -12.36
CA MET B 285 -19.14 39.41 -13.69
C MET B 285 -19.80 38.46 -14.71
N PRO B 286 -19.59 38.70 -16.01
CA PRO B 286 -20.09 37.82 -17.08
C PRO B 286 -19.66 36.36 -16.90
N VAL B 287 -20.64 35.48 -17.03
CA VAL B 287 -20.41 34.06 -16.82
C VAL B 287 -20.81 33.22 -18.03
N LEU B 288 -19.95 32.28 -18.40
CA LEU B 288 -20.23 31.39 -19.52
C LEU B 288 -20.29 29.95 -19.07
N GLY B 289 -21.37 29.27 -19.42
CA GLY B 289 -21.43 27.83 -19.24
C GLY B 289 -21.36 27.12 -20.58
N ILE B 290 -20.39 26.24 -20.78
CA ILE B 290 -20.40 25.36 -21.95
C ILE B 290 -20.70 23.97 -21.44
N GLY B 291 -21.84 23.43 -21.87
CA GLY B 291 -22.27 22.15 -21.35
C GLY B 291 -22.34 21.08 -22.40
N GLY B 292 -21.92 19.87 -22.03
CA GLY B 292 -22.06 18.73 -22.91
C GLY B 292 -23.54 18.45 -23.02
N ASN B 293 -23.91 17.58 -23.95
CA ASN B 293 -25.30 17.46 -24.35
C ASN B 293 -26.26 16.94 -23.29
N PHE B 294 -25.72 16.28 -22.27
CA PHE B 294 -26.56 15.58 -21.29
C PHE B 294 -26.41 16.17 -19.89
N THR B 295 -25.45 17.08 -19.77
CA THR B 295 -25.21 17.82 -18.53
C THR B 295 -25.61 19.30 -18.68
N PHE B 296 -25.98 19.69 -19.90
CA PHE B 296 -26.20 21.11 -20.23
C PHE B 296 -27.15 21.82 -19.29
N GLU B 297 -28.32 21.24 -19.09
CA GLU B 297 -29.40 21.94 -18.44
C GLU B 297 -29.19 22.07 -16.94
N ASP B 298 -28.52 21.08 -16.33
CA ASP B 298 -28.17 21.17 -14.91
C ASP B 298 -27.11 22.24 -14.70
N LEU B 299 -26.18 22.36 -15.64
CA LEU B 299 -25.16 23.40 -15.53
C LEU B 299 -25.85 24.76 -15.67
N ARG B 300 -26.79 24.83 -16.60
CA ARG B 300 -27.55 26.06 -16.80
C ARG B 300 -28.36 26.38 -15.55
N ASN B 301 -28.95 25.36 -14.94
CA ASN B 301 -29.69 25.58 -13.73
C ASN B 301 -28.79 26.10 -12.61
N LYS B 302 -27.64 25.45 -12.42
CA LYS B 302 -26.79 25.82 -11.29
C LYS B 302 -26.21 27.20 -11.51
N LEU B 303 -25.75 27.49 -12.73
CA LEU B 303 -25.09 28.76 -12.98
C LEU B 303 -26.06 29.93 -12.83
N THR B 304 -27.29 29.77 -13.34
CA THR B 304 -28.26 30.87 -13.27
C THR B 304 -28.65 31.16 -11.82
N ALA B 305 -28.60 30.15 -10.97
CA ALA B 305 -28.87 30.34 -9.55
C ALA B 305 -27.68 30.98 -8.81
N GLN B 306 -26.47 30.82 -9.34
CA GLN B 306 -25.27 31.28 -8.63
C GLN B 306 -24.63 32.52 -9.26
N ALA B 307 -25.22 33.00 -10.34
CA ALA B 307 -24.62 34.09 -11.09
C ALA B 307 -25.71 34.91 -11.74
N THR B 308 -25.48 36.20 -11.90
CA THR B 308 -26.51 37.12 -12.37
C THR B 308 -26.44 37.43 -13.88
N ASP B 309 -25.28 37.20 -14.50
CA ASP B 309 -25.10 37.43 -15.93
C ASP B 309 -24.61 36.15 -16.62
N VAL B 310 -25.56 35.28 -16.99
CA VAL B 310 -25.24 33.95 -17.51
C VAL B 310 -25.49 33.77 -19.02
N HIS B 311 -24.50 33.23 -19.71
CA HIS B 311 -24.60 32.79 -21.09
C HIS B 311 -24.29 31.30 -21.17
N MET B 312 -25.00 30.58 -22.03
CA MET B 312 -24.78 29.15 -22.18
C MET B 312 -24.47 28.81 -23.63
N VAL B 313 -23.61 27.82 -23.83
CA VAL B 313 -23.32 27.27 -25.15
C VAL B 313 -23.40 25.76 -25.02
N ARG B 314 -24.06 25.12 -25.97
CA ARG B 314 -24.22 23.68 -25.93
C ARG B 314 -23.24 22.97 -26.85
N ALA B 315 -22.38 22.12 -26.28
CA ALA B 315 -21.52 21.27 -27.07
C ALA B 315 -22.33 19.99 -27.32
N SER B 316 -23.17 20.04 -28.34
CA SER B 316 -24.20 19.03 -28.58
C SER B 316 -23.65 17.65 -28.93
N LYS B 317 -22.38 17.56 -29.30
CA LYS B 317 -21.82 16.26 -29.68
C LYS B 317 -20.82 15.75 -28.64
N SER B 318 -20.76 16.39 -27.48
CA SER B 318 -19.79 16.01 -26.48
C SER B 318 -20.46 15.41 -25.27
N VAL B 319 -19.77 14.46 -24.63
CA VAL B 319 -20.21 13.90 -23.35
C VAL B 319 -19.60 14.62 -22.16
N HIS B 320 -18.26 14.78 -22.14
CA HIS B 320 -17.62 15.48 -21.01
C HIS B 320 -16.30 16.21 -21.35
N TYR B 321 -15.42 15.57 -22.12
CA TYR B 321 -14.10 16.15 -22.37
C TYR B 321 -14.15 17.18 -23.48
N LEU B 322 -14.85 18.28 -23.20
CA LEU B 322 -15.17 19.26 -24.24
C LEU B 322 -13.94 19.72 -25.05
N PRO B 323 -12.83 20.04 -24.37
CA PRO B 323 -11.69 20.53 -25.15
C PRO B 323 -11.17 19.48 -26.13
N GLU B 324 -11.40 18.21 -25.80
CA GLU B 324 -10.95 17.15 -26.69
C GLU B 324 -12.03 16.61 -27.63
N GLU B 325 -13.30 16.68 -27.23
CA GLU B 325 -14.40 16.17 -28.05
C GLU B 325 -14.87 17.18 -29.11
N GLU B 326 -14.97 18.45 -28.74
CA GLU B 326 -15.37 19.49 -29.68
C GLU B 326 -14.56 20.77 -29.49
N PRO B 327 -13.26 20.74 -29.85
CA PRO B 327 -12.37 21.89 -29.72
C PRO B 327 -12.83 23.12 -30.50
N ASP B 328 -13.47 22.91 -31.65
CA ASP B 328 -13.93 24.03 -32.46
C ASP B 328 -15.08 24.79 -31.77
N VAL B 329 -15.97 24.05 -31.12
CA VAL B 329 -17.01 24.71 -30.35
C VAL B 329 -16.43 25.45 -29.12
N VAL B 330 -15.49 24.81 -28.43
CA VAL B 330 -14.90 25.41 -27.23
C VAL B 330 -14.11 26.65 -27.61
N ALA B 331 -13.23 26.53 -28.59
CA ALA B 331 -12.43 27.68 -29.06
C ALA B 331 -13.33 28.82 -29.53
N GLY B 332 -14.31 28.51 -30.39
CA GLY B 332 -15.19 29.55 -30.91
C GLY B 332 -15.95 30.24 -29.80
N ALA B 333 -16.48 29.44 -28.87
CA ALA B 333 -17.27 29.99 -27.77
C ALA B 333 -16.44 30.92 -26.89
N LEU B 334 -15.21 30.50 -26.57
CA LEU B 334 -14.36 31.34 -25.73
C LEU B 334 -13.95 32.63 -26.46
N LEU B 335 -13.66 32.50 -27.76
CA LEU B 335 -13.29 33.67 -28.57
C LEU B 335 -14.42 34.70 -28.62
N ASP B 336 -15.64 34.20 -28.75
CA ASP B 336 -16.83 35.05 -28.81
C ASP B 336 -17.18 35.65 -27.45
N PHE B 337 -17.03 34.85 -26.40
CA PHE B 337 -17.44 35.28 -25.07
C PHE B 337 -16.42 36.27 -24.48
N PHE B 338 -15.15 35.94 -24.57
CA PHE B 338 -14.11 36.80 -24.01
C PHE B 338 -13.89 38.02 -24.90
N GLY B 339 -14.11 37.84 -26.21
CA GLY B 339 -14.05 38.94 -27.18
C GLY B 339 -12.70 39.60 -27.41
N GLY C 47 -1.71 -17.98 -15.79
CA GLY C 47 -1.28 -17.62 -14.45
C GLY C 47 -1.47 -16.14 -14.15
N PRO C 48 -0.88 -15.67 -13.03
CA PRO C 48 -0.95 -14.27 -12.58
C PRO C 48 -0.32 -13.37 -13.63
N VAL C 49 0.82 -13.81 -14.14
CA VAL C 49 1.53 -13.13 -15.21
C VAL C 49 1.84 -14.11 -16.35
N PRO C 50 2.27 -13.59 -17.52
CA PRO C 50 2.58 -14.46 -18.67
C PRO C 50 3.66 -15.50 -18.35
N SER C 51 3.62 -16.67 -18.99
CA SER C 51 4.66 -17.68 -18.78
C SER C 51 6.01 -17.20 -19.33
N ASP C 52 7.09 -17.86 -18.93
CA ASP C 52 8.40 -17.56 -19.48
C ASP C 52 8.36 -17.91 -20.99
N ARG C 53 7.61 -18.95 -21.34
CA ARG C 53 7.43 -19.27 -22.76
C ARG C 53 6.73 -18.12 -23.50
N GLU C 54 5.67 -17.58 -22.89
CA GLU C 54 4.99 -16.46 -23.52
C GLU C 54 5.93 -15.28 -23.64
N LEU C 55 6.63 -14.98 -22.54
CA LEU C 55 7.54 -13.83 -22.52
C LEU C 55 8.66 -13.96 -23.57
N ALA C 56 9.26 -15.14 -23.68
CA ALA C 56 10.33 -15.35 -24.64
C ALA C 56 9.85 -15.05 -26.07
N ARG C 57 8.63 -15.50 -26.39
CA ARG C 57 8.13 -15.34 -27.76
C ARG C 57 7.77 -13.91 -28.07
N SER C 58 7.48 -13.13 -27.03
CA SER C 58 7.03 -11.76 -27.21
C SER C 58 8.19 -10.86 -27.62
N LEU C 59 9.39 -11.42 -27.55
CA LEU C 59 10.60 -10.70 -27.89
C LEU C 59 10.96 -10.87 -29.36
N PRO C 60 11.36 -9.77 -30.02
CA PRO C 60 11.91 -9.93 -31.36
C PRO C 60 13.24 -10.69 -31.29
N GLY C 61 13.57 -11.42 -32.34
CA GLY C 61 14.82 -12.17 -32.40
C GLY C 61 14.65 -13.65 -32.23
N GLY C 62 13.42 -14.10 -31.99
CA GLY C 62 13.16 -15.52 -31.90
C GLY C 62 13.85 -16.19 -30.72
N PHE C 63 13.59 -15.68 -29.52
CA PHE C 63 14.13 -16.29 -28.31
C PHE C 63 13.19 -17.40 -27.85
N ARG C 64 13.73 -18.48 -27.29
CA ARG C 64 12.90 -19.55 -26.76
C ARG C 64 13.29 -19.92 -25.31
N SER C 65 12.28 -20.15 -24.47
CA SER C 65 12.47 -20.58 -23.08
C SER C 65 12.75 -22.07 -23.01
N ARG C 66 13.81 -22.42 -22.29
CA ARG C 66 14.29 -23.80 -22.23
C ARG C 66 14.68 -24.18 -20.81
N HIS C 67 15.01 -25.45 -20.63
CA HIS C 67 15.53 -25.89 -19.35
C HIS C 67 16.70 -26.85 -19.55
N ALA C 68 17.45 -27.08 -18.49
CA ALA C 68 18.54 -28.06 -18.51
C ALA C 68 18.90 -28.42 -17.08
N ARG C 69 19.25 -29.68 -16.85
CA ARG C 69 19.68 -30.06 -15.51
C ARG C 69 21.17 -30.25 -15.43
N VAL C 70 21.78 -29.51 -14.50
CA VAL C 70 23.20 -29.62 -14.23
C VAL C 70 23.37 -30.06 -12.79
N GLY C 71 24.01 -31.21 -12.61
CA GLY C 71 24.31 -31.73 -11.28
C GLY C 71 23.09 -31.89 -10.38
N GLY C 72 21.97 -32.27 -10.97
CA GLY C 72 20.76 -32.47 -10.19
C GLY C 72 19.91 -31.22 -10.01
N VAL C 73 20.44 -30.06 -10.35
CA VAL C 73 19.68 -28.81 -10.26
C VAL C 73 19.14 -28.39 -11.62
N ARG C 74 17.84 -28.15 -11.71
CA ARG C 74 17.25 -27.77 -12.99
C ARG C 74 17.23 -26.26 -13.15
N LEU C 75 17.85 -25.77 -14.21
CA LEU C 75 17.95 -24.34 -14.48
C LEU C 75 17.08 -23.92 -15.65
N HIS C 76 16.41 -22.79 -15.52
CA HIS C 76 15.69 -22.20 -16.65
C HIS C 76 16.52 -21.14 -17.34
N TYR C 77 16.46 -21.13 -18.67
CA TYR C 77 17.06 -20.06 -19.45
C TYR C 77 16.30 -19.77 -20.73
N VAL C 78 16.59 -18.63 -21.32
CA VAL C 78 16.02 -18.20 -22.59
C VAL C 78 17.16 -17.87 -23.54
N SER C 79 17.21 -18.54 -24.69
CA SER C 79 18.28 -18.27 -25.63
C SER C 79 17.76 -18.00 -27.03
N GLY C 80 18.63 -17.40 -27.84
CA GLY C 80 18.32 -17.03 -29.21
C GLY C 80 19.53 -16.34 -29.83
N GLY C 81 19.43 -16.05 -31.12
CA GLY C 81 20.48 -15.34 -31.81
C GLY C 81 21.55 -16.24 -32.37
N HIS C 82 22.49 -15.65 -33.07
CA HIS C 82 23.54 -16.41 -33.72
C HIS C 82 24.86 -15.71 -33.55
N GLY C 83 25.90 -16.51 -33.37
CA GLY C 83 27.21 -15.96 -33.17
C GLY C 83 27.85 -16.56 -31.94
N GLU C 84 28.85 -15.87 -31.43
CA GLU C 84 29.54 -16.36 -30.26
C GLU C 84 28.61 -16.30 -29.05
N PRO C 85 28.72 -17.29 -28.16
CA PRO C 85 27.82 -17.40 -27.01
C PRO C 85 27.99 -16.26 -26.01
N LEU C 86 26.88 -15.74 -25.50
CA LEU C 86 26.90 -14.69 -24.47
C LEU C 86 25.94 -15.01 -23.33
N LEU C 87 26.54 -15.33 -22.19
CA LEU C 87 25.79 -15.66 -21.00
C LEU C 87 25.39 -14.37 -20.29
N LEU C 88 24.09 -14.22 -20.02
CA LEU C 88 23.56 -13.07 -19.32
C LEU C 88 23.01 -13.46 -17.94
N VAL C 89 23.48 -12.77 -16.90
CA VAL C 89 23.12 -13.16 -15.53
C VAL C 89 22.48 -12.00 -14.80
N PRO C 90 21.23 -12.20 -14.32
CA PRO C 90 20.50 -11.18 -13.57
C PRO C 90 20.69 -11.31 -12.05
N GLY C 91 20.11 -10.37 -11.30
CA GLY C 91 20.25 -10.39 -9.85
C GLY C 91 18.92 -10.21 -9.11
N TRP C 92 19.00 -9.67 -7.90
CA TRP C 92 17.86 -9.63 -6.99
C TRP C 92 17.17 -8.28 -7.04
N PRO C 93 15.82 -8.26 -6.98
CA PRO C 93 14.92 -9.41 -7.07
C PRO C 93 14.33 -9.45 -8.48
N GLN C 94 15.13 -9.94 -9.42
CA GLN C 94 14.76 -9.94 -10.81
C GLN C 94 14.95 -11.33 -11.41
N THR C 95 14.81 -11.40 -12.71
CA THR C 95 15.00 -12.64 -13.43
C THR C 95 15.61 -12.30 -14.76
N TRP C 96 15.78 -13.32 -15.58
CA TRP C 96 16.29 -13.16 -16.92
C TRP C 96 15.58 -12.03 -17.69
N TRP C 97 14.31 -11.76 -17.31
CA TRP C 97 13.49 -10.76 -17.97
C TRP C 97 14.04 -9.34 -17.82
N ALA C 98 14.95 -9.15 -16.88
CA ALA C 98 15.62 -7.87 -16.70
C ALA C 98 16.42 -7.45 -17.94
N TYR C 99 16.84 -8.41 -18.75
CA TYR C 99 17.63 -8.10 -19.92
C TYR C 99 16.77 -7.92 -21.21
N ARG C 100 15.45 -7.87 -21.05
CA ARG C 100 14.53 -7.85 -22.22
C ARG C 100 14.82 -6.72 -23.21
N LYS C 101 15.22 -5.57 -22.70
CA LYS C 101 15.45 -4.39 -23.53
C LYS C 101 16.75 -4.46 -24.32
N VAL C 102 17.67 -5.33 -23.92
CA VAL C 102 18.93 -5.38 -24.64
C VAL C 102 19.10 -6.71 -25.37
N MET C 103 18.30 -7.72 -25.02
CA MET C 103 18.48 -9.05 -25.59
C MET C 103 18.35 -9.08 -27.11
N PRO C 104 17.35 -8.36 -27.66
CA PRO C 104 17.20 -8.33 -29.11
C PRO C 104 18.41 -7.71 -29.78
N GLN C 105 18.90 -6.56 -29.29
CA GLN C 105 20.07 -5.97 -29.94
C GLN C 105 21.26 -6.94 -29.94
N LEU C 106 21.52 -7.56 -28.79
CA LEU C 106 22.64 -8.50 -28.63
C LEU C 106 22.52 -9.78 -29.47
N ALA C 107 21.28 -10.23 -29.67
CA ALA C 107 20.99 -11.50 -30.36
C ALA C 107 21.40 -11.48 -31.82
N ARG C 108 21.60 -10.29 -32.37
CA ARG C 108 22.09 -10.18 -33.74
C ARG C 108 23.58 -10.53 -33.92
N ARG C 109 24.36 -10.44 -32.84
CA ARG C 109 25.81 -10.67 -32.95
C ARG C 109 26.26 -11.90 -32.16
N TYR C 110 25.55 -12.19 -31.08
CA TYR C 110 25.90 -13.28 -30.19
C TYR C 110 24.73 -14.26 -30.05
N HIS C 111 25.04 -15.51 -29.76
CA HIS C 111 24.03 -16.45 -29.32
C HIS C 111 23.78 -16.22 -27.83
N VAL C 112 22.70 -15.50 -27.54
CA VAL C 112 22.40 -15.06 -26.18
C VAL C 112 21.80 -16.18 -25.35
N ILE C 113 22.34 -16.34 -24.14
CA ILE C 113 21.81 -17.28 -23.17
C ILE C 113 21.53 -16.53 -21.86
N ALA C 114 20.26 -16.17 -21.66
CA ALA C 114 19.83 -15.41 -20.48
C ALA C 114 19.29 -16.37 -19.43
N VAL C 115 19.92 -16.39 -18.26
CA VAL C 115 19.63 -17.46 -17.31
C VAL C 115 18.88 -16.98 -16.06
N ASP C 116 18.13 -17.88 -15.44
CA ASP C 116 17.70 -17.68 -14.06
C ASP C 116 18.71 -18.43 -13.19
N LEU C 117 19.31 -17.73 -12.24
CA LEU C 117 20.23 -18.35 -11.30
C LEU C 117 19.53 -19.43 -10.49
N ARG C 118 20.31 -20.34 -9.92
CA ARG C 118 19.85 -21.23 -8.87
C ARG C 118 19.10 -20.42 -7.81
N GLY C 119 17.90 -20.85 -7.46
CA GLY C 119 17.09 -20.14 -6.50
C GLY C 119 16.22 -19.06 -7.14
N MET C 120 16.38 -18.85 -8.44
CA MET C 120 15.74 -17.71 -9.12
C MET C 120 14.70 -18.15 -10.16
N GLY C 121 13.58 -17.42 -10.21
CA GLY C 121 12.60 -17.52 -11.30
C GLY C 121 12.11 -18.93 -11.59
N GLY C 122 12.37 -19.39 -12.82
CA GLY C 122 11.96 -20.72 -13.20
C GLY C 122 12.94 -21.83 -12.84
N SER C 123 14.09 -21.46 -12.28
CA SER C 123 15.11 -22.45 -11.92
C SER C 123 14.82 -23.07 -10.56
N ASP C 124 15.38 -24.25 -10.30
CA ASP C 124 15.18 -24.93 -9.03
C ASP C 124 15.67 -24.08 -7.88
N LYS C 125 15.08 -24.30 -6.71
CA LYS C 125 15.48 -23.61 -5.50
C LYS C 125 15.79 -24.62 -4.39
N PRO C 126 16.97 -25.25 -4.47
CA PRO C 126 17.45 -26.26 -3.52
C PRO C 126 17.82 -25.67 -2.15
N ALA C 127 18.22 -26.54 -1.24
CA ALA C 127 18.52 -26.15 0.13
C ALA C 127 19.72 -25.20 0.24
N GLY C 128 20.79 -25.49 -0.49
CA GLY C 128 22.01 -24.70 -0.39
C GLY C 128 22.67 -24.46 -1.72
N GLY C 129 23.97 -24.14 -1.69
CA GLY C 129 24.74 -23.89 -2.90
C GLY C 129 24.53 -22.47 -3.43
N TYR C 130 24.25 -21.53 -2.54
CA TYR C 130 23.94 -20.17 -2.96
C TYR C 130 25.13 -19.21 -2.85
N ASP C 131 26.28 -19.74 -2.46
CA ASP C 131 27.53 -19.00 -2.59
C ASP C 131 27.80 -18.81 -4.08
N LYS C 132 28.41 -17.69 -4.45
CA LYS C 132 28.56 -17.32 -5.86
C LYS C 132 29.46 -18.29 -6.64
N LYS C 133 30.39 -18.92 -5.94
CA LYS C 133 31.25 -19.93 -6.55
C LYS C 133 30.43 -21.11 -7.06
N THR C 134 29.56 -21.63 -6.20
CA THR C 134 28.71 -22.76 -6.57
C THR C 134 27.78 -22.37 -7.72
N MET C 135 27.23 -21.17 -7.66
CA MET C 135 26.30 -20.72 -8.70
C MET C 135 27.03 -20.54 -10.03
N ALA C 136 28.28 -20.12 -9.98
CA ALA C 136 29.10 -20.03 -11.18
C ALA C 136 29.38 -21.41 -11.77
N ALA C 137 29.62 -22.40 -10.91
CA ALA C 137 29.87 -23.77 -11.40
C ALA C 137 28.62 -24.32 -12.08
N ASP C 138 27.45 -23.95 -11.54
CA ASP C 138 26.18 -24.24 -12.18
C ASP C 138 26.20 -23.80 -13.63
N LEU C 139 26.53 -22.53 -13.84
CA LEU C 139 26.47 -21.92 -15.17
C LEU C 139 27.53 -22.47 -16.11
N HIS C 140 28.68 -22.82 -15.56
CA HIS C 140 29.78 -23.44 -16.31
C HIS C 140 29.35 -24.79 -16.86
N ALA C 141 28.77 -25.62 -15.99
CA ALA C 141 28.23 -26.92 -16.39
C ALA C 141 27.14 -26.75 -17.45
N LEU C 142 26.35 -25.69 -17.31
CA LEU C 142 25.29 -25.40 -18.24
C LEU C 142 25.83 -25.16 -19.64
N VAL C 143 26.75 -24.21 -19.78
CA VAL C 143 27.26 -23.83 -21.09
C VAL C 143 28.14 -24.92 -21.70
N ARG C 144 28.83 -25.68 -20.84
CA ARG C 144 29.59 -26.82 -21.35
C ARG C 144 28.65 -27.91 -21.84
N GLY C 145 27.56 -28.10 -21.13
CA GLY C 145 26.54 -29.06 -21.53
C GLY C 145 25.97 -28.67 -22.87
N LEU C 146 25.90 -27.37 -23.14
CA LEU C 146 25.45 -26.86 -24.43
C LEU C 146 26.55 -26.88 -25.49
N GLY C 147 27.70 -27.42 -25.13
CA GLY C 147 28.76 -27.64 -26.10
C GLY C 147 29.63 -26.44 -26.39
N HIS C 148 29.58 -25.44 -25.50
CA HIS C 148 30.43 -24.29 -25.63
C HIS C 148 31.68 -24.46 -24.77
N ARG C 149 32.84 -24.25 -25.37
CA ARG C 149 34.12 -24.32 -24.65
C ARG C 149 34.40 -23.00 -23.93
N GLN C 150 34.09 -21.89 -24.60
CA GLN C 150 34.19 -20.56 -24.00
C GLN C 150 32.97 -19.73 -24.35
N VAL C 151 32.60 -18.85 -23.44
CA VAL C 151 31.47 -17.95 -23.63
C VAL C 151 31.91 -16.57 -23.20
N ASN C 152 31.25 -15.55 -23.73
CA ASN C 152 31.30 -14.22 -23.13
C ASN C 152 30.36 -14.21 -21.95
N VAL C 153 30.69 -13.48 -20.90
CA VAL C 153 29.81 -13.46 -19.73
C VAL C 153 29.57 -12.03 -19.28
N ALA C 154 28.30 -11.72 -19.02
CA ALA C 154 27.91 -10.47 -18.41
C ALA C 154 26.90 -10.75 -17.29
N GLY C 155 27.06 -10.08 -16.15
CA GLY C 155 26.15 -10.25 -15.02
C GLY C 155 25.83 -8.93 -14.36
N HIS C 156 24.66 -8.82 -13.75
CA HIS C 156 24.22 -7.61 -13.08
C HIS C 156 23.81 -7.95 -11.63
N ASP C 157 24.14 -7.06 -10.69
CA ASP C 157 23.69 -7.25 -9.31
C ASP C 157 24.30 -8.55 -8.76
N ILE C 158 23.49 -9.37 -8.07
CA ILE C 158 23.93 -10.70 -7.66
C ILE C 158 24.52 -11.45 -8.88
N GLY C 159 23.91 -11.25 -10.05
CA GLY C 159 24.40 -11.91 -11.25
C GLY C 159 25.78 -11.44 -11.64
N SER C 160 26.14 -10.20 -11.27
CA SER C 160 27.49 -9.71 -11.56
C SER C 160 28.56 -10.42 -10.70
N MET C 161 28.22 -10.67 -9.45
CA MET C 161 29.08 -11.44 -8.54
C MET C 161 29.36 -12.83 -9.11
N VAL C 162 28.32 -13.49 -9.62
CA VAL C 162 28.45 -14.83 -10.20
C VAL C 162 29.31 -14.77 -11.47
N ALA C 163 29.07 -13.71 -12.25
CA ALA C 163 29.85 -13.46 -13.46
C ALA C 163 31.35 -13.37 -13.13
N PHE C 164 31.67 -12.69 -12.02
CA PHE C 164 33.05 -12.54 -11.57
C PHE C 164 33.63 -13.89 -11.13
N ALA C 165 32.86 -14.61 -10.32
CA ALA C 165 33.20 -15.93 -9.84
C ALA C 165 33.41 -16.90 -11.01
N PHE C 166 32.63 -16.70 -12.08
CA PHE C 166 32.79 -17.50 -13.28
C PHE C 166 34.19 -17.27 -13.89
N ALA C 167 34.56 -16.01 -14.08
CA ALA C 167 35.89 -15.69 -14.61
C ALA C 167 36.98 -16.17 -13.66
N ALA C 168 36.69 -16.14 -12.36
CA ALA C 168 37.69 -16.46 -11.35
C ALA C 168 37.93 -17.96 -11.28
N ASN C 169 36.87 -18.75 -11.31
CA ASN C 169 37.00 -20.20 -11.13
C ASN C 169 37.15 -20.98 -12.43
N HIS C 170 36.68 -20.40 -13.53
CA HIS C 170 36.69 -21.11 -14.81
C HIS C 170 37.23 -20.23 -15.94
N PRO C 171 38.45 -19.69 -15.77
CA PRO C 171 39.03 -18.77 -16.75
C PRO C 171 39.09 -19.35 -18.15
N GLU C 172 39.39 -20.66 -18.26
CA GLU C 172 39.53 -21.32 -19.54
C GLU C 172 38.19 -21.35 -20.31
N ALA C 173 37.09 -21.15 -19.60
CA ALA C 173 35.76 -21.13 -20.22
C ALA C 173 35.25 -19.71 -20.39
N THR C 174 36.10 -18.74 -20.11
CA THR C 174 35.69 -17.33 -20.14
C THR C 174 36.38 -16.52 -21.22
N ARG C 175 35.65 -16.15 -22.26
CA ARG C 175 36.22 -15.34 -23.32
C ARG C 175 36.52 -13.94 -22.83
N LYS C 176 35.47 -13.25 -22.38
CA LYS C 176 35.57 -11.96 -21.71
C LYS C 176 34.44 -11.87 -20.68
N VAL C 177 34.60 -11.02 -19.68
CA VAL C 177 33.56 -10.86 -18.66
C VAL C 177 33.26 -9.40 -18.35
N ALA C 178 31.97 -9.07 -18.24
CA ALA C 178 31.54 -7.72 -17.91
C ALA C 178 30.73 -7.72 -16.63
N LEU C 179 31.10 -6.82 -15.72
CA LEU C 179 30.40 -6.72 -14.46
C LEU C 179 29.57 -5.43 -14.50
N LEU C 180 28.25 -5.58 -14.38
CA LEU C 180 27.33 -4.48 -14.46
C LEU C 180 27.01 -3.95 -13.06
N ASP C 181 27.64 -2.83 -12.72
CA ASP C 181 27.37 -2.10 -11.47
C ASP C 181 27.87 -2.72 -10.16
N THR C 182 27.88 -4.05 -10.04
CA THR C 182 28.06 -4.69 -8.73
C THR C 182 29.36 -5.48 -8.65
N PRO C 183 30.27 -5.08 -7.76
CA PRO C 183 31.53 -5.80 -7.58
C PRO C 183 31.35 -7.08 -6.76
N HIS C 184 32.29 -8.01 -6.84
CA HIS C 184 32.22 -9.21 -6.03
C HIS C 184 32.43 -8.80 -4.57
N PRO C 185 31.75 -9.49 -3.63
CA PRO C 185 31.97 -9.20 -2.20
C PRO C 185 33.43 -9.33 -1.78
N ASP C 186 33.87 -8.47 -0.86
CA ASP C 186 35.18 -8.57 -0.22
C ASP C 186 35.11 -8.03 1.21
N GLN C 187 36.25 -7.70 1.81
CA GLN C 187 36.20 -7.23 3.20
C GLN C 187 35.43 -5.92 3.33
N SER C 188 35.37 -5.14 2.24
CA SER C 188 34.69 -3.86 2.29
C SER C 188 33.20 -3.97 2.67
N GLU C 189 32.60 -5.15 2.49
CA GLU C 189 31.20 -5.36 2.84
C GLU C 189 30.93 -5.13 4.33
N TYR C 190 31.93 -5.40 5.16
CA TYR C 190 31.82 -5.21 6.60
C TYR C 190 31.95 -3.74 6.94
N GLU C 191 32.21 -2.93 5.93
CA GLU C 191 32.38 -1.49 6.09
C GLU C 191 31.14 -0.68 5.72
N MET C 192 30.15 -1.33 5.10
CA MET C 192 28.89 -0.68 4.72
C MET C 192 28.14 -0.11 5.92
N ARG C 193 27.65 1.12 5.76
CA ARG C 193 26.99 1.84 6.84
C ARG C 193 25.47 1.65 6.91
N ILE C 194 24.97 1.44 8.13
CA ILE C 194 23.54 1.26 8.31
C ILE C 194 22.77 2.52 7.95
N LEU C 195 23.29 3.68 8.35
CA LEU C 195 22.62 4.95 8.13
C LEU C 195 23.39 5.93 7.21
N CYS C 196 22.68 6.64 6.33
CA CYS C 196 23.31 7.66 5.50
C CYS C 196 22.89 9.05 5.96
N ARG C 197 23.82 9.99 5.92
CA ARG C 197 23.53 11.39 6.23
C ARG C 197 22.57 11.86 5.15
N PRO C 198 21.67 12.80 5.48
CA PRO C 198 20.68 13.15 4.46
C PRO C 198 21.32 13.59 3.15
N GLY C 199 20.83 13.08 2.03
CA GLY C 199 21.35 13.47 0.73
C GLY C 199 22.70 12.83 0.40
N THR C 200 23.17 11.95 1.27
CA THR C 200 24.47 11.31 1.07
C THR C 200 24.39 9.90 0.49
N GLY C 201 23.25 9.51 -0.06
CA GLY C 201 23.08 8.17 -0.57
C GLY C 201 21.85 7.46 -0.06
N THR C 202 21.61 6.27 -0.60
CA THR C 202 20.45 5.46 -0.23
C THR C 202 20.76 4.45 0.86
N THR C 203 19.82 4.33 1.79
CA THR C 203 19.80 3.28 2.81
C THR C 203 19.86 1.89 2.14
N LEU C 204 20.94 1.15 2.35
CA LEU C 204 21.06 -0.20 1.76
C LEU C 204 20.50 -1.29 2.66
N TRP C 205 19.25 -1.07 3.04
CA TRP C 205 18.60 -1.83 4.09
C TRP C 205 18.49 -3.33 3.81
N TRP C 206 18.37 -3.71 2.54
CA TRP C 206 18.05 -5.10 2.20
C TRP C 206 19.23 -6.04 2.42
N PHE C 207 20.45 -5.50 2.44
CA PHE C 207 21.64 -6.30 2.78
C PHE C 207 21.57 -6.84 4.20
N ALA C 208 21.07 -6.02 5.12
CA ALA C 208 20.86 -6.44 6.51
C ALA C 208 19.63 -7.32 6.64
N PHE C 209 18.51 -6.87 6.07
CA PHE C 209 17.26 -7.59 6.18
C PHE C 209 17.38 -8.99 5.59
N ASN C 210 18.08 -9.13 4.47
CA ASN C 210 18.13 -10.43 3.84
C ASN C 210 19.06 -11.43 4.54
N GLN C 211 19.72 -11.00 5.61
CA GLN C 211 20.53 -11.89 6.43
C GLN C 211 19.65 -12.75 7.34
N LEU C 212 18.42 -12.28 7.58
CA LEU C 212 17.56 -12.84 8.61
C LEU C 212 16.99 -14.21 8.24
N GLN C 213 16.74 -15.04 9.25
CA GLN C 213 16.02 -16.29 9.09
C GLN C 213 14.52 -16.07 9.36
N ALA C 214 13.66 -16.71 8.55
CA ALA C 214 12.21 -16.75 8.73
C ALA C 214 11.48 -15.41 8.50
N LEU C 215 11.94 -14.32 9.12
CA LEU C 215 11.20 -13.06 9.03
C LEU C 215 11.01 -12.58 7.57
N PRO C 216 12.05 -12.69 6.73
CA PRO C 216 11.86 -12.27 5.33
C PRO C 216 10.70 -12.95 4.64
N GLU C 217 10.60 -14.29 4.67
CA GLU C 217 9.47 -14.95 4.01
C GLU C 217 8.18 -14.50 4.62
N GLN C 218 8.19 -14.39 5.95
CA GLN C 218 6.98 -14.06 6.68
C GLN C 218 6.45 -12.71 6.33
N LEU C 219 7.34 -11.74 6.18
CA LEU C 219 6.89 -10.40 5.89
C LEU C 219 6.69 -10.19 4.37
N MET C 220 7.51 -10.80 3.55
CA MET C 220 7.51 -10.44 2.13
C MET C 220 6.68 -11.31 1.21
N HIS C 221 6.29 -12.51 1.65
CA HIS C 221 5.53 -13.40 0.77
C HIS C 221 4.20 -12.71 0.39
N GLY C 222 3.87 -12.80 -0.89
CA GLY C 222 2.71 -12.13 -1.43
C GLY C 222 2.89 -10.64 -1.57
N ARG C 223 3.99 -10.11 -1.03
CA ARG C 223 4.10 -8.65 -0.95
C ARG C 223 5.33 -8.08 -1.65
N MET C 224 5.94 -8.87 -2.54
CA MET C 224 7.20 -8.47 -3.18
C MET C 224 7.01 -7.32 -4.14
N ARG C 225 5.81 -7.13 -4.68
CA ARG C 225 5.60 -5.96 -5.54
C ARG C 225 5.96 -4.66 -4.82
N HIS C 226 5.61 -4.58 -3.54
CA HIS C 226 5.96 -3.41 -2.76
C HIS C 226 7.49 -3.26 -2.63
N VAL C 227 8.18 -4.37 -2.50
CA VAL C 227 9.65 -4.32 -2.40
C VAL C 227 10.24 -3.77 -3.69
N ILE C 228 9.77 -4.32 -4.82
CA ILE C 228 10.19 -3.89 -6.15
C ILE C 228 9.91 -2.41 -6.41
N ASP C 229 8.73 -1.96 -6.01
CA ASP C 229 8.39 -0.56 -6.16
C ASP C 229 9.31 0.35 -5.35
N TRP C 230 9.63 -0.04 -4.12
CA TRP C 230 10.50 0.82 -3.33
C TRP C 230 11.84 0.95 -4.04
N LEU C 231 12.39 -0.18 -4.48
CA LEU C 231 13.71 -0.20 -5.12
C LEU C 231 13.69 0.70 -6.36
N TYR C 232 12.65 0.57 -7.17
CA TYR C 232 12.55 1.37 -8.39
C TYR C 232 12.29 2.83 -8.04
N ALA C 233 11.51 3.08 -6.97
CA ALA C 233 11.24 4.46 -6.54
C ALA C 233 12.55 5.16 -6.15
N ASN C 234 13.55 4.40 -5.75
CA ASN C 234 14.81 4.98 -5.34
C ASN C 234 15.95 4.78 -6.33
N SER C 235 15.61 4.57 -7.60
CA SER C 235 16.65 4.38 -8.61
C SER C 235 16.28 4.95 -9.98
N LEU C 236 15.09 4.62 -10.49
CA LEU C 236 14.68 5.05 -11.84
C LEU C 236 14.51 6.57 -11.93
N ALA C 237 15.02 7.15 -13.01
CA ALA C 237 14.85 8.57 -13.23
C ALA C 237 13.42 8.86 -13.71
N ASP C 238 12.82 7.87 -14.36
CA ASP C 238 11.41 7.95 -14.83
C ASP C 238 10.81 6.59 -14.52
N GLN C 239 9.74 6.56 -13.73
CA GLN C 239 9.17 5.29 -13.29
C GLN C 239 8.64 4.41 -14.44
N SER C 240 8.24 5.01 -15.55
CA SER C 240 7.74 4.23 -16.67
C SER C 240 8.85 3.47 -17.40
N LEU C 241 10.10 3.61 -16.96
CA LEU C 241 11.20 2.80 -17.52
C LEU C 241 10.95 1.31 -17.26
N VAL C 242 10.18 1.03 -16.21
CA VAL C 242 9.79 -0.34 -15.89
C VAL C 242 8.31 -0.34 -15.57
N GLY C 243 7.52 -0.91 -16.48
CA GLY C 243 6.07 -0.86 -16.39
C GLY C 243 5.42 -1.76 -15.35
N ASP C 244 4.13 -1.54 -15.11
CA ASP C 244 3.35 -2.28 -14.13
C ASP C 244 3.43 -3.80 -14.31
N LEU C 245 3.26 -4.28 -15.54
CA LEU C 245 3.31 -5.71 -15.79
C LEU C 245 4.72 -6.28 -15.55
N ASP C 246 5.75 -5.55 -15.93
CA ASP C 246 7.09 -6.03 -15.71
C ASP C 246 7.36 -6.23 -14.21
N ARG C 247 6.86 -5.31 -13.40
CA ARG C 247 7.09 -5.37 -11.97
C ARG C 247 6.39 -6.59 -11.38
N ASP C 248 5.18 -6.87 -11.88
CA ASP C 248 4.41 -8.00 -11.38
C ASP C 248 5.06 -9.30 -11.83
N ILE C 249 5.74 -9.28 -12.98
CA ILE C 249 6.45 -10.47 -13.43
C ILE C 249 7.52 -10.82 -12.39
N TYR C 250 8.28 -9.82 -11.94
CA TYR C 250 9.29 -10.04 -10.88
C TYR C 250 8.65 -10.45 -9.57
N ALA C 251 7.59 -9.76 -9.19
CA ALA C 251 6.96 -10.01 -7.91
C ALA C 251 6.45 -11.43 -7.85
N ASN C 252 5.89 -11.88 -8.97
CA ASN C 252 5.37 -13.23 -9.09
C ASN C 252 6.45 -14.28 -8.97
N ALA C 253 7.62 -13.98 -9.51
CA ALA C 253 8.73 -14.91 -9.41
C ALA C 253 9.15 -15.09 -7.95
N TYR C 254 9.11 -14.00 -7.18
CA TYR C 254 9.61 -14.03 -5.81
C TYR C 254 8.55 -14.18 -4.72
N ASN C 255 7.26 -14.24 -5.09
CA ASN C 255 6.21 -14.04 -4.06
C ASN C 255 5.92 -15.20 -3.08
N SER C 256 6.29 -16.43 -3.42
CA SER C 256 6.12 -17.54 -2.47
C SER C 256 7.19 -17.49 -1.38
N PRO C 257 6.91 -18.06 -0.20
CA PRO C 257 7.87 -18.06 0.91
C PRO C 257 9.20 -18.70 0.52
N GLN C 258 9.14 -19.79 -0.25
CA GLN C 258 10.32 -20.46 -0.73
C GLN C 258 11.17 -19.58 -1.64
N ALA C 259 10.51 -18.74 -2.43
CA ALA C 259 11.23 -17.88 -3.37
C ALA C 259 11.88 -16.68 -2.67
N VAL C 260 11.16 -16.08 -1.71
CA VAL C 260 11.74 -15.06 -0.85
C VAL C 260 12.97 -15.66 -0.16
N ARG C 261 12.82 -16.85 0.41
CA ARG C 261 13.88 -17.52 1.17
C ARG C 261 15.11 -17.81 0.30
N ALA C 262 14.90 -18.36 -0.89
CA ALA C 262 16.00 -18.66 -1.79
C ALA C 262 16.78 -17.37 -2.08
N GLY C 263 16.04 -16.28 -2.29
CA GLY C 263 16.64 -14.98 -2.49
C GLY C 263 17.55 -14.54 -1.35
N THR C 264 17.11 -14.75 -0.11
CA THR C 264 17.95 -14.35 1.01
C THR C 264 19.23 -15.16 1.05
N ARG C 265 19.20 -16.40 0.57
CA ARG C 265 20.39 -17.25 0.62
C ARG C 265 21.56 -16.62 -0.14
N TRP C 266 21.28 -15.96 -1.27
CA TRP C 266 22.30 -15.24 -2.02
C TRP C 266 23.05 -14.24 -1.12
N PHE C 267 22.30 -13.59 -0.24
CA PHE C 267 22.86 -12.60 0.67
C PHE C 267 23.49 -13.24 1.92
N GLN C 268 22.89 -14.29 2.46
CA GLN C 268 23.44 -14.98 3.62
C GLN C 268 24.80 -15.67 3.32
N ALA C 269 25.03 -15.98 2.05
CA ALA C 269 26.30 -16.59 1.62
C ALA C 269 27.45 -15.57 1.55
N CYS C 270 27.19 -14.33 1.95
CA CYS C 270 28.18 -13.26 1.75
C CYS C 270 29.51 -13.51 2.47
N HIS C 271 29.48 -14.03 3.69
CA HIS C 271 30.72 -14.29 4.43
C HIS C 271 31.54 -15.35 3.71
N GLN C 272 30.87 -16.40 3.27
CA GLN C 272 31.52 -17.43 2.45
C GLN C 272 32.04 -16.83 1.13
N ASP C 273 31.28 -15.94 0.48
CA ASP C 273 31.76 -15.30 -0.76
C ASP C 273 33.01 -14.44 -0.52
N ILE C 274 33.03 -13.75 0.60
CA ILE C 274 34.16 -12.92 0.96
C ILE C 274 35.37 -13.80 1.18
N THR C 275 35.16 -14.93 1.86
CA THR C 275 36.24 -15.90 2.04
C THR C 275 36.75 -16.43 0.70
N ASP C 276 35.82 -16.77 -0.20
CA ASP C 276 36.23 -17.26 -1.53
C ASP C 276 37.03 -16.21 -2.31
N GLN C 277 36.61 -14.95 -2.23
CA GLN C 277 37.27 -13.89 -3.00
C GLN C 277 38.78 -13.77 -2.68
N ALA C 278 39.12 -13.98 -1.41
CA ALA C 278 40.49 -13.84 -0.98
C ALA C 278 41.43 -14.86 -1.65
N GLY C 279 40.86 -15.96 -2.13
CA GLY C 279 41.65 -17.02 -2.72
C GLY C 279 41.86 -16.86 -4.21
N TYR C 280 41.24 -15.86 -4.81
CA TYR C 280 41.29 -15.69 -6.27
C TYR C 280 42.52 -14.94 -6.76
N GLY C 281 43.08 -15.42 -7.86
CA GLY C 281 44.12 -14.70 -8.58
C GLY C 281 43.51 -13.62 -9.45
N LYS C 282 44.34 -12.75 -10.00
CA LYS C 282 43.84 -11.67 -10.84
C LYS C 282 43.25 -12.26 -12.14
N LEU C 283 42.11 -11.74 -12.60
CA LEU C 283 41.61 -12.13 -13.91
C LEU C 283 42.52 -11.58 -15.00
N THR C 284 42.88 -12.39 -15.99
CA THR C 284 43.78 -11.87 -17.02
C THR C 284 43.08 -11.73 -18.37
N MET C 285 41.89 -12.28 -18.48
CA MET C 285 41.09 -12.06 -19.67
C MET C 285 40.53 -10.64 -19.60
N PRO C 286 40.09 -10.10 -20.75
CA PRO C 286 39.49 -8.77 -20.84
C PRO C 286 38.34 -8.58 -19.88
N VAL C 287 38.37 -7.50 -19.11
CA VAL C 287 37.34 -7.26 -18.11
C VAL C 287 36.71 -5.93 -18.40
N LEU C 288 35.39 -5.90 -18.34
CA LEU C 288 34.65 -4.67 -18.51
C LEU C 288 33.83 -4.38 -17.25
N GLY C 289 33.94 -3.17 -16.72
CA GLY C 289 33.05 -2.74 -15.68
C GLY C 289 32.10 -1.65 -16.17
N ILE C 290 30.79 -1.89 -16.06
CA ILE C 290 29.85 -0.82 -16.36
C ILE C 290 29.22 -0.36 -15.08
N GLY C 291 29.49 0.88 -14.69
CA GLY C 291 29.05 1.36 -13.40
C GLY C 291 28.07 2.50 -13.48
N GLY C 292 27.07 2.45 -12.59
CA GLY C 292 26.11 3.52 -12.46
C GLY C 292 26.75 4.77 -11.90
N ASN C 293 26.00 5.86 -11.87
CA ASN C 293 26.58 7.16 -11.59
C ASN C 293 27.19 7.23 -10.19
N PHE C 294 26.76 6.33 -9.30
CA PHE C 294 27.23 6.37 -7.92
C PHE C 294 28.02 5.13 -7.46
N THR C 295 28.08 4.09 -8.29
CA THR C 295 28.85 2.91 -7.93
C THR C 295 30.12 2.80 -8.75
N PHE C 296 30.24 3.66 -9.75
CA PHE C 296 31.28 3.59 -10.76
C PHE C 296 32.69 3.55 -10.15
N GLU C 297 32.98 4.50 -9.27
CA GLU C 297 34.35 4.69 -8.80
C GLU C 297 34.78 3.59 -7.84
N ASP C 298 33.84 3.07 -7.06
CA ASP C 298 34.13 1.92 -6.21
C ASP C 298 34.37 0.69 -7.07
N LEU C 299 33.57 0.54 -8.11
CA LEU C 299 33.69 -0.58 -9.01
C LEU C 299 35.00 -0.52 -9.79
N ARG C 300 35.38 0.68 -10.22
CA ARG C 300 36.64 0.86 -10.93
C ARG C 300 37.83 0.49 -10.03
N ASN C 301 37.78 0.88 -8.75
CA ASN C 301 38.84 0.56 -7.80
C ASN C 301 39.00 -0.94 -7.59
N LYS C 302 37.88 -1.64 -7.41
CA LYS C 302 37.94 -3.06 -7.12
C LYS C 302 38.42 -3.86 -8.33
N LEU C 303 37.89 -3.54 -9.51
CA LEU C 303 38.23 -4.32 -10.72
C LEU C 303 39.70 -4.15 -11.08
N THR C 304 40.22 -2.93 -10.99
CA THR C 304 41.61 -2.64 -11.32
C THR C 304 42.60 -3.30 -10.35
N ALA C 305 42.16 -3.53 -9.12
CA ALA C 305 42.98 -4.23 -8.12
C ALA C 305 42.90 -5.74 -8.31
N GLN C 306 41.84 -6.22 -8.94
CA GLN C 306 41.56 -7.64 -9.03
C GLN C 306 41.80 -8.18 -10.44
N ALA C 307 42.16 -7.30 -11.38
CA ALA C 307 42.24 -7.68 -12.79
C ALA C 307 43.23 -6.83 -13.57
N THR C 308 43.86 -7.41 -14.59
CA THR C 308 44.94 -6.73 -15.27
C THR C 308 44.53 -6.07 -16.59
N ASP C 309 43.42 -6.50 -17.18
CA ASP C 309 42.97 -5.93 -18.45
C ASP C 309 41.55 -5.37 -18.29
N VAL C 310 41.47 -4.19 -17.69
CA VAL C 310 40.20 -3.61 -17.33
C VAL C 310 39.80 -2.41 -18.18
N HIS C 311 38.56 -2.43 -18.62
CA HIS C 311 37.92 -1.27 -19.24
C HIS C 311 36.73 -0.88 -18.40
N MET C 312 36.47 0.42 -18.32
CA MET C 312 35.32 0.94 -17.57
C MET C 312 34.42 1.76 -18.48
N VAL C 313 33.12 1.70 -18.20
CA VAL C 313 32.12 2.52 -18.86
C VAL C 313 31.17 3.13 -17.82
N ARG C 314 30.90 4.41 -17.99
CA ARG C 314 30.01 5.14 -17.08
C ARG C 314 28.60 5.21 -17.64
N ALA C 315 27.63 4.65 -16.91
CA ALA C 315 26.22 4.79 -17.25
C ALA C 315 25.68 6.01 -16.52
N SER C 316 25.89 7.17 -17.13
CA SER C 316 25.73 8.46 -16.48
C SER C 316 24.29 8.79 -16.03
N LYS C 317 23.29 8.11 -16.59
CA LYS C 317 21.90 8.38 -16.25
C LYS C 317 21.24 7.25 -15.43
N SER C 318 22.07 6.35 -14.89
CA SER C 318 21.58 5.21 -14.11
C SER C 318 22.01 5.22 -12.65
N VAL C 319 21.13 4.70 -11.79
CA VAL C 319 21.45 4.46 -10.40
C VAL C 319 21.92 3.02 -10.16
N HIS C 320 21.15 2.04 -10.63
CA HIS C 320 21.55 0.66 -10.41
C HIS C 320 21.10 -0.36 -11.45
N TYR C 321 19.84 -0.26 -11.90
CA TYR C 321 19.28 -1.25 -12.84
C TYR C 321 19.69 -0.95 -14.28
N LEU C 322 20.99 -1.11 -14.55
CA LEU C 322 21.60 -0.65 -15.79
C LEU C 322 20.87 -1.15 -17.07
N PRO C 323 20.49 -2.44 -17.10
CA PRO C 323 19.82 -2.98 -18.29
C PRO C 323 18.44 -2.35 -18.56
N GLU C 324 17.81 -1.82 -17.52
CA GLU C 324 16.52 -1.19 -17.66
C GLU C 324 16.60 0.33 -17.74
N GLU C 325 17.60 0.92 -17.08
CA GLU C 325 17.74 2.38 -17.04
C GLU C 325 18.44 3.00 -18.26
N GLU C 326 19.48 2.35 -18.77
CA GLU C 326 20.18 2.83 -19.98
C GLU C 326 20.53 1.65 -20.87
N PRO C 327 19.50 1.03 -21.47
CA PRO C 327 19.65 -0.15 -22.30
C PRO C 327 20.49 0.09 -23.54
N ASP C 328 20.44 1.29 -24.10
CA ASP C 328 21.25 1.55 -25.28
C ASP C 328 22.73 1.66 -24.93
N VAL C 329 23.03 2.29 -23.81
CA VAL C 329 24.40 2.39 -23.34
C VAL C 329 24.92 0.98 -23.00
N VAL C 330 24.06 0.16 -22.39
CA VAL C 330 24.44 -1.20 -22.02
C VAL C 330 24.64 -2.07 -23.24
N ALA C 331 23.65 -2.09 -24.13
CA ALA C 331 23.75 -2.88 -25.35
C ALA C 331 24.98 -2.42 -26.13
N GLY C 332 25.13 -1.11 -26.28
CA GLY C 332 26.24 -0.53 -27.02
C GLY C 332 27.60 -0.89 -26.45
N ALA C 333 27.72 -0.84 -25.12
CA ALA C 333 28.99 -1.14 -24.46
C ALA C 333 29.40 -2.61 -24.67
N LEU C 334 28.44 -3.51 -24.51
CA LEU C 334 28.70 -4.95 -24.64
C LEU C 334 29.09 -5.33 -26.07
N LEU C 335 28.43 -4.72 -27.06
CA LEU C 335 28.79 -4.99 -28.45
C LEU C 335 30.23 -4.56 -28.73
N ASP C 336 30.60 -3.41 -28.20
CA ASP C 336 31.96 -2.91 -28.43
C ASP C 336 32.98 -3.77 -27.69
N PHE C 337 32.63 -4.20 -26.48
CA PHE C 337 33.56 -4.94 -25.64
C PHE C 337 33.75 -6.38 -26.11
N PHE C 338 32.65 -7.09 -26.34
CA PHE C 338 32.75 -8.50 -26.73
C PHE C 338 33.18 -8.64 -28.18
N GLY C 339 32.87 -7.63 -28.99
CA GLY C 339 33.31 -7.63 -30.37
C GLY C 339 32.64 -8.73 -31.17
N GLY D 47 -0.36 -23.80 -2.37
CA GLY D 47 -0.36 -22.41 -2.80
C GLY D 47 -0.07 -21.43 -1.69
N PRO D 48 -0.35 -20.14 -1.93
CA PRO D 48 -0.10 -19.01 -1.02
C PRO D 48 -0.83 -19.10 0.32
N VAL D 49 -2.02 -19.68 0.30
CA VAL D 49 -2.80 -19.89 1.51
C VAL D 49 -3.15 -21.37 1.61
N PRO D 50 -3.60 -21.82 2.80
CA PRO D 50 -4.00 -23.21 2.91
C PRO D 50 -5.13 -23.54 1.94
N SER D 51 -5.17 -24.76 1.45
CA SER D 51 -6.25 -25.19 0.58
C SER D 51 -7.54 -25.23 1.38
N ASP D 52 -8.69 -25.31 0.69
CA ASP D 52 -9.96 -25.44 1.39
C ASP D 52 -10.03 -26.73 2.21
N ARG D 53 -9.40 -27.79 1.70
CA ARG D 53 -9.33 -29.07 2.42
C ARG D 53 -8.63 -28.92 3.76
N GLU D 54 -7.50 -28.20 3.76
CA GLU D 54 -6.79 -27.94 5.00
C GLU D 54 -7.63 -27.10 5.94
N LEU D 55 -8.24 -26.06 5.39
CA LEU D 55 -9.07 -25.14 6.16
C LEU D 55 -10.23 -25.86 6.81
N ALA D 56 -10.88 -26.72 6.04
CA ALA D 56 -12.01 -27.49 6.55
C ALA D 56 -11.58 -28.36 7.73
N ARG D 57 -10.43 -29.01 7.62
CA ARG D 57 -9.95 -29.91 8.68
C ARG D 57 -9.44 -29.22 9.93
N SER D 58 -9.10 -27.93 9.85
CA SER D 58 -8.58 -27.23 11.01
C SER D 58 -9.68 -26.87 12.01
N LEU D 59 -10.93 -27.01 11.59
CA LEU D 59 -12.09 -26.66 12.42
C LEU D 59 -12.59 -27.86 13.21
N PRO D 60 -12.88 -27.65 14.51
CA PRO D 60 -13.53 -28.72 15.26
C PRO D 60 -14.93 -28.99 14.70
N GLY D 61 -15.41 -30.21 14.84
CA GLY D 61 -16.71 -30.59 14.32
C GLY D 61 -16.63 -31.49 13.09
N GLY D 62 -15.42 -31.77 12.63
CA GLY D 62 -15.21 -32.72 11.54
C GLY D 62 -15.80 -32.29 10.20
N PHE D 63 -15.41 -31.10 9.73
CA PHE D 63 -15.82 -30.60 8.43
C PHE D 63 -14.89 -31.09 7.32
N ARG D 64 -15.47 -31.38 6.15
CA ARG D 64 -14.71 -31.83 4.99
C ARG D 64 -15.07 -31.01 3.75
N SER D 65 -14.05 -30.69 2.97
CA SER D 65 -14.24 -29.95 1.73
C SER D 65 -14.65 -30.91 0.62
N ARG D 66 -15.72 -30.56 -0.09
CA ARG D 66 -16.26 -31.42 -1.15
C ARG D 66 -16.67 -30.65 -2.40
N HIS D 67 -17.03 -31.38 -3.44
CA HIS D 67 -17.58 -30.80 -4.66
C HIS D 67 -18.80 -31.55 -5.16
N ALA D 68 -19.53 -30.91 -6.05
CA ALA D 68 -20.68 -31.53 -6.69
C ALA D 68 -20.95 -30.74 -7.95
N ARG D 69 -21.40 -31.42 -8.99
CA ARG D 69 -21.74 -30.71 -10.21
C ARG D 69 -23.25 -30.65 -10.35
N VAL D 70 -23.81 -29.45 -10.47
CA VAL D 70 -25.26 -29.31 -10.67
C VAL D 70 -25.51 -28.59 -11.98
N GLY D 71 -26.20 -29.25 -12.89
CA GLY D 71 -26.53 -28.64 -14.17
C GLY D 71 -25.31 -28.14 -14.93
N GLY D 72 -24.22 -28.88 -14.84
CA GLY D 72 -23.01 -28.52 -15.56
C GLY D 72 -22.10 -27.58 -14.78
N VAL D 73 -22.62 -27.02 -13.70
CA VAL D 73 -21.81 -26.14 -12.88
C VAL D 73 -21.29 -26.88 -11.66
N ARG D 74 -19.97 -26.82 -11.46
CA ARG D 74 -19.32 -27.49 -10.35
C ARG D 74 -19.22 -26.56 -9.16
N LEU D 75 -19.80 -26.97 -8.04
CA LEU D 75 -19.81 -26.17 -6.83
C LEU D 75 -18.92 -26.78 -5.75
N HIS D 76 -18.19 -25.92 -5.04
CA HIS D 76 -17.46 -26.32 -3.85
C HIS D 76 -18.24 -26.06 -2.57
N TYR D 77 -18.17 -27.01 -1.64
CA TYR D 77 -18.71 -26.75 -0.32
C TYR D 77 -17.93 -27.51 0.75
N VAL D 78 -18.17 -27.08 1.99
CA VAL D 78 -17.64 -27.71 3.19
C VAL D 78 -18.81 -28.12 4.06
N SER D 79 -18.89 -29.39 4.42
CA SER D 79 -19.99 -29.85 5.26
C SER D 79 -19.50 -30.58 6.51
N GLY D 80 -20.38 -30.67 7.50
CA GLY D 80 -20.07 -31.29 8.77
C GLY D 80 -21.25 -31.19 9.73
N GLY D 81 -21.14 -31.85 10.88
CA GLY D 81 -22.18 -31.81 11.88
C GLY D 81 -23.24 -32.86 11.62
N HIS D 82 -24.21 -32.97 12.52
CA HIS D 82 -25.28 -33.97 12.40
C HIS D 82 -26.60 -33.32 12.80
N GLY D 83 -27.68 -33.69 12.11
CA GLY D 83 -28.97 -33.10 12.37
C GLY D 83 -29.65 -32.59 11.11
N GLU D 84 -30.60 -31.68 11.27
CA GLU D 84 -31.30 -31.14 10.11
C GLU D 84 -30.32 -30.29 9.31
N PRO D 85 -30.48 -30.32 7.99
CA PRO D 85 -29.53 -29.60 7.12
C PRO D 85 -29.65 -28.08 7.26
N LEU D 86 -28.50 -27.42 7.29
CA LEU D 86 -28.44 -25.97 7.34
C LEU D 86 -27.44 -25.47 6.30
N LEU D 87 -27.95 -24.81 5.27
CA LEU D 87 -27.13 -24.25 4.22
C LEU D 87 -26.64 -22.88 4.62
N LEU D 88 -25.32 -22.65 4.54
CA LEU D 88 -24.78 -21.34 4.86
C LEU D 88 -24.18 -20.72 3.62
N VAL D 89 -24.63 -19.51 3.30
CA VAL D 89 -24.25 -18.86 2.05
C VAL D 89 -23.58 -17.54 2.39
N PRO D 90 -22.33 -17.35 1.93
CA PRO D 90 -21.57 -16.12 2.11
C PRO D 90 -21.72 -15.14 0.96
N GLY D 91 -21.05 -13.99 1.07
CA GLY D 91 -21.08 -12.98 0.04
C GLY D 91 -19.73 -12.42 -0.37
N TRP D 92 -19.75 -11.18 -0.85
CA TRP D 92 -18.60 -10.55 -1.46
C TRP D 92 -17.85 -9.62 -0.48
N PRO D 93 -16.51 -9.59 -0.56
CA PRO D 93 -15.71 -10.54 -1.34
C PRO D 93 -15.19 -11.60 -0.39
N GLN D 94 -16.04 -12.59 -0.08
CA GLN D 94 -15.71 -13.59 0.91
C GLN D 94 -15.93 -15.00 0.36
N THR D 95 -15.85 -15.99 1.24
CA THR D 95 -16.10 -17.38 0.89
C THR D 95 -16.75 -18.08 2.06
N TRP D 96 -16.97 -19.38 1.93
CA TRP D 96 -17.54 -20.20 3.01
C TRP D 96 -16.82 -20.03 4.35
N TRP D 97 -15.55 -19.69 4.25
CA TRP D 97 -14.66 -19.48 5.39
C TRP D 97 -15.13 -18.30 6.26
N ALA D 98 -16.02 -17.48 5.70
CA ALA D 98 -16.58 -16.35 6.45
C ALA D 98 -17.33 -16.86 7.67
N TYR D 99 -17.79 -18.11 7.58
CA TYR D 99 -18.57 -18.74 8.64
C TYR D 99 -17.77 -19.58 9.63
N ARG D 100 -16.44 -19.49 9.58
CA ARG D 100 -15.59 -20.32 10.43
C ARG D 100 -15.89 -20.18 11.94
N LYS D 101 -16.24 -18.98 12.39
CA LYS D 101 -16.45 -18.75 13.82
C LYS D 101 -17.77 -19.33 14.34
N VAL D 102 -18.72 -19.64 13.45
CA VAL D 102 -20.00 -20.14 13.94
C VAL D 102 -20.25 -21.58 13.50
N MET D 103 -19.49 -22.06 12.53
CA MET D 103 -19.71 -23.40 11.99
C MET D 103 -19.63 -24.51 13.04
N PRO D 104 -18.66 -24.40 13.97
CA PRO D 104 -18.54 -25.44 15.01
C PRO D 104 -19.76 -25.51 15.94
N GLN D 105 -20.23 -24.37 16.44
CA GLN D 105 -21.39 -24.38 17.32
C GLN D 105 -22.60 -24.96 16.62
N LEU D 106 -22.84 -24.48 15.40
CA LEU D 106 -23.99 -24.92 14.63
C LEU D 106 -23.90 -26.41 14.28
N ALA D 107 -22.66 -26.90 14.16
CA ALA D 107 -22.42 -28.30 13.83
C ALA D 107 -22.88 -29.27 14.94
N ARG D 108 -23.08 -28.75 16.15
CA ARG D 108 -23.59 -29.56 17.24
C ARG D 108 -25.08 -29.88 17.04
N ARG D 109 -25.77 -29.06 16.25
CA ARG D 109 -27.20 -29.20 16.10
C ARG D 109 -27.61 -29.51 14.68
N TYR D 110 -26.84 -29.04 13.70
CA TYR D 110 -27.21 -29.23 12.30
C TYR D 110 -26.11 -29.91 11.49
N HIS D 111 -26.52 -30.60 10.42
CA HIS D 111 -25.57 -30.99 9.39
C HIS D 111 -25.37 -29.76 8.53
N VAL D 112 -24.27 -29.06 8.79
CA VAL D 112 -23.99 -27.79 8.17
C VAL D 112 -23.49 -27.97 6.74
N ILE D 113 -24.01 -27.16 5.83
CA ILE D 113 -23.52 -27.11 4.45
C ILE D 113 -23.16 -25.68 4.04
N ALA D 114 -21.88 -25.37 4.16
CA ALA D 114 -21.35 -24.06 3.85
C ALA D 114 -20.81 -24.06 2.44
N VAL D 115 -21.35 -23.18 1.61
CA VAL D 115 -21.11 -23.25 0.18
C VAL D 115 -20.29 -22.10 -0.36
N ASP D 116 -19.60 -22.36 -1.47
CA ASP D 116 -19.10 -21.29 -2.30
C ASP D 116 -20.12 -21.10 -3.44
N LEU D 117 -20.65 -19.89 -3.59
CA LEU D 117 -21.56 -19.59 -4.69
C LEU D 117 -20.92 -19.78 -6.07
N ARG D 118 -21.77 -19.94 -7.09
CA ARG D 118 -21.34 -19.79 -8.47
C ARG D 118 -20.52 -18.51 -8.57
N GLY D 119 -19.32 -18.63 -9.14
CA GLY D 119 -18.44 -17.50 -9.31
C GLY D 119 -17.51 -17.27 -8.13
N MET D 120 -17.69 -18.04 -7.06
CA MET D 120 -17.00 -17.79 -5.80
C MET D 120 -16.04 -18.92 -5.40
N GLY D 121 -14.87 -18.53 -4.90
CA GLY D 121 -13.95 -19.46 -4.26
C GLY D 121 -13.58 -20.68 -5.09
N GLY D 122 -13.90 -21.86 -4.57
CA GLY D 122 -13.60 -23.09 -5.27
C GLY D 122 -14.65 -23.54 -6.28
N SER D 123 -15.76 -22.81 -6.38
CA SER D 123 -16.80 -23.19 -7.32
C SER D 123 -16.50 -22.68 -8.73
N ASP D 124 -17.11 -23.32 -9.73
CA ASP D 124 -16.90 -22.88 -11.12
C ASP D 124 -17.33 -21.44 -11.31
N LYS D 125 -16.73 -20.79 -12.29
CA LYS D 125 -17.08 -19.43 -12.62
C LYS D 125 -17.45 -19.33 -14.08
N PRO D 126 -18.66 -19.78 -14.42
CA PRO D 126 -19.13 -19.75 -15.82
C PRO D 126 -19.43 -18.34 -16.33
N ALA D 127 -19.81 -18.26 -17.59
CA ALA D 127 -20.01 -16.99 -18.27
C ALA D 127 -21.12 -16.15 -17.63
N GLY D 128 -22.22 -16.81 -17.28
CA GLY D 128 -23.38 -16.10 -16.73
C GLY D 128 -24.10 -16.84 -15.62
N GLY D 129 -25.36 -16.44 -15.41
CA GLY D 129 -26.21 -17.02 -14.39
C GLY D 129 -26.00 -16.44 -13.01
N TYR D 130 -25.59 -15.17 -12.94
CA TYR D 130 -25.22 -14.57 -11.67
C TYR D 130 -26.34 -13.76 -11.01
N ASP D 131 -27.51 -13.77 -11.64
CA ASP D 131 -28.74 -13.31 -11.03
C ASP D 131 -29.08 -14.22 -9.85
N LYS D 132 -29.66 -13.66 -8.80
CA LYS D 132 -29.84 -14.41 -7.55
C LYS D 132 -30.82 -15.57 -7.73
N LYS D 133 -31.73 -15.43 -8.69
CA LYS D 133 -32.66 -16.52 -8.97
C LYS D 133 -31.92 -17.78 -9.45
N THR D 134 -31.02 -17.62 -10.40
CA THR D 134 -30.26 -18.75 -10.92
C THR D 134 -29.33 -19.33 -9.86
N MET D 135 -28.70 -18.46 -9.09
CA MET D 135 -27.77 -18.92 -8.06
C MET D 135 -28.48 -19.67 -6.95
N ALA D 136 -29.71 -19.27 -6.66
CA ALA D 136 -30.54 -20.01 -5.69
C ALA D 136 -30.93 -21.40 -6.26
N ALA D 137 -31.21 -21.45 -7.55
CA ALA D 137 -31.52 -22.73 -8.21
C ALA D 137 -30.33 -23.68 -8.17
N ASP D 138 -29.13 -23.13 -8.33
CA ASP D 138 -27.90 -23.90 -8.10
C ASP D 138 -27.95 -24.61 -6.77
N LEU D 139 -28.20 -23.84 -5.71
CA LEU D 139 -28.19 -24.40 -4.38
C LEU D 139 -29.34 -25.35 -4.15
N HIS D 140 -30.48 -25.08 -4.77
CA HIS D 140 -31.62 -26.00 -4.68
C HIS D 140 -31.28 -27.36 -5.30
N ALA D 141 -30.76 -27.33 -6.52
CA ALA D 141 -30.33 -28.55 -7.18
C ALA D 141 -29.26 -29.28 -6.37
N LEU D 142 -28.36 -28.51 -5.76
CA LEU D 142 -27.30 -29.09 -4.96
C LEU D 142 -27.87 -29.88 -3.78
N VAL D 143 -28.69 -29.23 -2.96
CA VAL D 143 -29.15 -29.87 -1.73
C VAL D 143 -30.08 -31.04 -2.01
N ARG D 144 -30.85 -30.96 -3.11
CA ARG D 144 -31.69 -32.09 -3.47
C ARG D 144 -30.83 -33.28 -3.90
N GLY D 145 -29.75 -32.99 -4.62
CA GLY D 145 -28.82 -34.03 -5.00
C GLY D 145 -28.19 -34.70 -3.79
N LEU D 146 -28.07 -33.94 -2.71
CA LEU D 146 -27.53 -34.48 -1.48
C LEU D 146 -28.63 -35.22 -0.71
N GLY D 147 -29.80 -35.31 -1.31
CA GLY D 147 -30.88 -36.09 -0.74
C GLY D 147 -31.72 -35.40 0.32
N HIS D 148 -31.67 -34.07 0.35
CA HIS D 148 -32.52 -33.29 1.25
C HIS D 148 -33.78 -32.74 0.58
N ARG D 149 -34.95 -33.00 1.19
CA ARG D 149 -36.21 -32.51 0.66
C ARG D 149 -36.39 -31.03 1.01
N GLN D 150 -36.10 -30.67 2.26
CA GLN D 150 -36.06 -29.27 2.64
C GLN D 150 -34.91 -29.02 3.60
N VAL D 151 -34.43 -27.78 3.60
CA VAL D 151 -33.31 -27.39 4.44
C VAL D 151 -33.55 -26.04 5.11
N ASN D 152 -32.86 -25.80 6.22
CA ASN D 152 -32.74 -24.46 6.77
C ASN D 152 -31.72 -23.67 5.95
N VAL D 153 -31.94 -22.37 5.79
CA VAL D 153 -31.02 -21.56 5.00
C VAL D 153 -30.65 -20.26 5.72
N ALA D 154 -29.37 -19.94 5.71
CA ALA D 154 -28.91 -18.66 6.22
C ALA D 154 -27.92 -18.06 5.23
N GLY D 155 -28.04 -16.76 4.95
CA GLY D 155 -27.15 -16.12 4.01
C GLY D 155 -26.73 -14.74 4.45
N HIS D 156 -25.53 -14.35 4.04
CA HIS D 156 -24.95 -13.04 4.37
C HIS D 156 -24.55 -12.30 3.10
N ASP D 157 -24.78 -10.99 3.07
CA ASP D 157 -24.34 -10.17 1.96
C ASP D 157 -25.02 -10.69 0.69
N ILE D 158 -24.28 -10.83 -0.40
CA ILE D 158 -24.83 -11.46 -1.62
C ILE D 158 -25.52 -12.78 -1.33
N GLY D 159 -24.95 -13.56 -0.43
CA GLY D 159 -25.52 -14.84 -0.04
C GLY D 159 -26.85 -14.70 0.69
N SER D 160 -27.09 -13.54 1.28
CA SER D 160 -28.38 -13.27 1.90
C SER D 160 -29.45 -13.08 0.79
N MET D 161 -29.04 -12.39 -0.26
CA MET D 161 -29.88 -12.23 -1.43
C MET D 161 -30.25 -13.58 -2.03
N VAL D 162 -29.26 -14.48 -2.13
CA VAL D 162 -29.51 -15.80 -2.67
C VAL D 162 -30.44 -16.58 -1.75
N ALA D 163 -30.23 -16.47 -0.44
CA ALA D 163 -31.11 -17.13 0.54
C ALA D 163 -32.57 -16.73 0.33
N PHE D 164 -32.80 -15.45 0.09
CA PHE D 164 -34.16 -14.93 -0.13
C PHE D 164 -34.77 -15.51 -1.42
N ALA D 165 -34.02 -15.41 -2.52
CA ALA D 165 -34.46 -15.97 -3.80
C ALA D 165 -34.68 -17.47 -3.67
N PHE D 166 -33.89 -18.12 -2.81
CA PHE D 166 -34.07 -19.55 -2.50
C PHE D 166 -35.43 -19.78 -1.85
N ALA D 167 -35.75 -19.02 -0.82
CA ALA D 167 -37.05 -19.15 -0.17
C ALA D 167 -38.20 -18.80 -1.13
N ALA D 168 -37.98 -17.81 -1.99
CA ALA D 168 -39.04 -17.30 -2.85
C ALA D 168 -39.35 -18.22 -4.03
N ASN D 169 -38.32 -18.80 -4.62
CA ASN D 169 -38.48 -19.66 -5.81
C ASN D 169 -38.71 -21.12 -5.43
N HIS D 170 -38.28 -21.48 -4.23
CA HIS D 170 -38.31 -22.86 -3.78
C HIS D 170 -38.86 -22.99 -2.36
N PRO D 171 -40.08 -22.48 -2.13
CA PRO D 171 -40.68 -22.50 -0.78
C PRO D 171 -40.73 -23.91 -0.21
N GLU D 172 -41.03 -24.89 -1.05
CA GLU D 172 -41.18 -26.27 -0.61
C GLU D 172 -39.87 -26.88 -0.08
N ALA D 173 -38.73 -26.33 -0.49
CA ALA D 173 -37.43 -26.84 -0.08
C ALA D 173 -36.83 -25.97 1.02
N THR D 174 -37.62 -25.03 1.50
CA THR D 174 -37.14 -24.06 2.47
C THR D 174 -37.83 -24.33 3.80
N ARG D 175 -37.09 -24.85 4.76
CA ARG D 175 -37.67 -25.10 6.07
C ARG D 175 -37.85 -23.77 6.79
N LYS D 176 -36.75 -23.05 6.97
CA LYS D 176 -36.77 -21.69 7.50
C LYS D 176 -35.68 -20.93 6.76
N VAL D 177 -35.72 -19.61 6.75
CA VAL D 177 -34.65 -18.83 6.12
C VAL D 177 -34.17 -17.66 6.99
N ALA D 178 -32.86 -17.48 7.07
CA ALA D 178 -32.28 -16.39 7.84
C ALA D 178 -31.46 -15.45 6.94
N LEU D 179 -31.78 -14.17 7.02
CA LEU D 179 -31.13 -13.16 6.22
C LEU D 179 -30.26 -12.31 7.12
N LEU D 180 -28.95 -12.37 6.84
CA LEU D 180 -27.96 -11.67 7.63
C LEU D 180 -27.55 -10.36 6.97
N ASP D 181 -28.05 -9.28 7.57
CA ASP D 181 -27.72 -7.91 7.22
C ASP D 181 -28.29 -7.39 5.90
N THR D 182 -28.36 -8.23 4.87
CA THR D 182 -28.62 -7.71 3.52
C THR D 182 -29.96 -8.17 2.95
N PRO D 183 -30.84 -7.20 2.65
CA PRO D 183 -32.14 -7.43 2.03
C PRO D 183 -31.97 -7.67 0.54
N HIS D 184 -32.99 -8.23 -0.10
CA HIS D 184 -32.98 -8.46 -1.54
C HIS D 184 -33.05 -7.14 -2.29
N PRO D 185 -32.41 -7.08 -3.45
CA PRO D 185 -32.54 -5.87 -4.28
C PRO D 185 -34.01 -5.56 -4.63
N ASP D 186 -34.36 -4.28 -4.65
CA ASP D 186 -35.64 -3.81 -5.22
C ASP D 186 -35.43 -2.39 -5.74
N GLN D 187 -36.51 -1.65 -5.94
CA GLN D 187 -36.41 -0.32 -6.53
C GLN D 187 -35.60 0.66 -5.69
N SER D 188 -35.55 0.41 -4.39
CA SER D 188 -34.82 1.27 -3.49
C SER D 188 -33.33 1.37 -3.85
N GLU D 189 -32.80 0.39 -4.58
CA GLU D 189 -31.41 0.40 -5.01
C GLU D 189 -31.06 1.60 -5.86
N TYR D 190 -32.03 2.08 -6.63
CA TYR D 190 -31.79 3.22 -7.50
C TYR D 190 -31.76 4.51 -6.68
N GLU D 191 -32.09 4.41 -5.39
CA GLU D 191 -32.11 5.58 -4.52
C GLU D 191 -30.87 5.68 -3.61
N MET D 192 -30.02 4.66 -3.60
CA MET D 192 -28.82 4.75 -2.79
C MET D 192 -27.96 5.96 -3.16
N ARG D 193 -27.52 6.70 -2.15
CA ARG D 193 -26.70 7.88 -2.36
C ARG D 193 -25.23 7.52 -2.18
N ILE D 194 -24.42 8.00 -3.12
CA ILE D 194 -23.00 7.78 -3.09
C ILE D 194 -22.31 8.47 -1.92
N LEU D 195 -22.69 9.73 -1.74
CA LEU D 195 -22.00 10.62 -0.81
C LEU D 195 -22.83 10.90 0.42
N CYS D 196 -22.16 10.92 1.55
CA CYS D 196 -22.79 11.29 2.82
C CYS D 196 -21.96 12.38 3.48
N ARG D 197 -22.59 13.25 4.26
CA ARG D 197 -21.84 14.25 5.01
C ARG D 197 -20.88 13.52 5.96
N PRO D 198 -19.76 14.15 6.29
CA PRO D 198 -18.79 13.47 7.15
C PRO D 198 -19.40 12.99 8.47
N GLY D 199 -19.02 11.78 8.87
CA GLY D 199 -19.48 11.16 10.11
C GLY D 199 -20.83 10.49 10.09
N THR D 200 -21.52 10.47 8.95
CA THR D 200 -22.79 9.75 8.86
C THR D 200 -22.52 8.42 8.20
N GLY D 201 -23.26 8.10 7.14
CA GLY D 201 -23.14 6.79 6.52
C GLY D 201 -21.78 6.55 5.87
N THR D 202 -21.58 5.33 5.39
CA THR D 202 -20.35 4.97 4.68
C THR D 202 -20.58 5.12 3.19
N THR D 203 -19.60 5.68 2.46
CA THR D 203 -19.68 5.70 1.00
C THR D 203 -19.84 4.28 0.46
N LEU D 204 -20.93 4.04 -0.27
CA LEU D 204 -21.20 2.72 -0.81
C LEU D 204 -20.55 2.56 -2.19
N TRP D 205 -19.24 2.82 -2.27
CA TRP D 205 -18.55 2.98 -3.56
C TRP D 205 -18.57 1.72 -4.45
N TRP D 206 -18.50 0.54 -3.86
CA TRP D 206 -18.29 -0.66 -4.66
C TRP D 206 -19.54 -1.08 -5.45
N PHE D 207 -20.71 -0.61 -5.02
CA PHE D 207 -21.94 -0.88 -5.76
C PHE D 207 -21.89 -0.25 -7.13
N ALA D 208 -21.36 0.96 -7.21
CA ALA D 208 -21.15 1.60 -8.50
C ALA D 208 -19.94 0.98 -9.22
N PHE D 209 -18.82 0.86 -8.52
CA PHE D 209 -17.60 0.34 -9.15
C PHE D 209 -17.85 -1.06 -9.71
N ASN D 210 -18.60 -1.91 -8.99
CA ASN D 210 -18.77 -3.28 -9.44
C ASN D 210 -19.75 -3.42 -10.61
N GLN D 211 -20.33 -2.29 -11.04
CA GLN D 211 -21.16 -2.26 -12.25
C GLN D 211 -20.29 -2.24 -13.50
N LEU D 212 -19.03 -1.87 -13.35
CA LEU D 212 -18.19 -1.58 -14.52
C LEU D 212 -17.75 -2.81 -15.30
N GLN D 213 -17.55 -2.62 -16.60
CA GLN D 213 -16.96 -3.61 -17.48
C GLN D 213 -15.43 -3.44 -17.57
N ALA D 214 -14.70 -4.56 -17.49
CA ALA D 214 -13.21 -4.57 -17.65
C ALA D 214 -12.38 -3.89 -16.56
N LEU D 215 -12.72 -2.65 -16.21
CA LEU D 215 -11.89 -1.88 -15.32
C LEU D 215 -11.71 -2.58 -13.95
N PRO D 216 -12.78 -3.19 -13.43
CA PRO D 216 -12.61 -3.88 -12.14
C PRO D 216 -11.47 -4.92 -12.16
N GLU D 217 -11.49 -5.88 -13.07
CA GLU D 217 -10.43 -6.89 -13.09
C GLU D 217 -9.08 -6.26 -13.35
N GLN D 218 -9.06 -5.24 -14.21
CA GLN D 218 -7.82 -4.56 -14.56
C GLN D 218 -7.17 -3.92 -13.33
N LEU D 219 -7.99 -3.31 -12.49
CA LEU D 219 -7.44 -2.62 -11.34
C LEU D 219 -7.23 -3.54 -10.16
N MET D 220 -8.14 -4.49 -9.97
CA MET D 220 -8.14 -5.26 -8.73
C MET D 220 -7.37 -6.60 -8.77
N HIS D 221 -7.07 -7.14 -9.96
CA HIS D 221 -6.40 -8.44 -10.00
C HIS D 221 -5.05 -8.32 -9.26
N GLY D 222 -4.75 -9.32 -8.44
CA GLY D 222 -3.54 -9.31 -7.64
C GLY D 222 -3.64 -8.36 -6.45
N ARG D 223 -4.67 -7.52 -6.39
CA ARG D 223 -4.67 -6.46 -5.40
C ARG D 223 -5.86 -6.48 -4.46
N MET D 224 -6.54 -7.63 -4.37
CA MET D 224 -7.78 -7.71 -3.62
C MET D 224 -7.57 -7.60 -2.11
N ARG D 225 -6.36 -7.89 -1.63
CA ARG D 225 -6.09 -7.68 -0.20
C ARG D 225 -6.35 -6.23 0.22
N HIS D 226 -6.01 -5.26 -0.63
CA HIS D 226 -6.26 -3.85 -0.31
C HIS D 226 -7.77 -3.54 -0.21
N VAL D 227 -8.56 -4.16 -1.09
CA VAL D 227 -10.01 -3.94 -1.06
C VAL D 227 -10.56 -4.50 0.25
N ILE D 228 -10.14 -5.72 0.58
CA ILE D 228 -10.55 -6.39 1.80
C ILE D 228 -10.16 -5.58 3.05
N ASP D 229 -8.96 -5.01 3.04
CA ASP D 229 -8.52 -4.15 4.15
C ASP D 229 -9.34 -2.86 4.26
N TRP D 230 -9.67 -2.26 3.12
CA TRP D 230 -10.48 -1.04 3.16
C TRP D 230 -11.84 -1.39 3.77
N LEU D 231 -12.46 -2.48 3.32
CA LEU D 231 -13.78 -2.85 3.82
C LEU D 231 -13.79 -3.09 5.34
N TYR D 232 -12.77 -3.78 5.83
CA TYR D 232 -12.67 -4.06 7.25
C TYR D 232 -12.33 -2.80 8.06
N ALA D 233 -11.48 -1.94 7.50
CA ALA D 233 -11.12 -0.67 8.12
C ALA D 233 -12.36 0.21 8.30
N ASN D 234 -13.37 -0.06 7.50
CA ASN D 234 -14.59 0.71 7.61
C ASN D 234 -15.76 -0.05 8.19
N SER D 235 -15.48 -1.12 8.93
CA SER D 235 -16.56 -1.90 9.55
C SER D 235 -16.17 -2.51 10.90
N LEU D 236 -15.05 -3.21 10.97
CA LEU D 236 -14.68 -3.90 12.20
C LEU D 236 -14.44 -2.88 13.32
N ALA D 237 -14.98 -3.17 14.50
CA ALA D 237 -14.72 -2.36 15.68
C ALA D 237 -13.29 -2.66 16.20
N ASP D 238 -12.80 -3.85 15.88
CA ASP D 238 -11.42 -4.22 16.20
C ASP D 238 -10.86 -5.01 15.02
N GLN D 239 -9.78 -4.50 14.44
CA GLN D 239 -9.23 -5.08 13.23
C GLN D 239 -8.76 -6.53 13.45
N SER D 240 -8.42 -6.88 14.68
CA SER D 240 -7.96 -8.23 14.99
C SER D 240 -9.11 -9.25 15.00
N LEU D 241 -10.34 -8.79 14.78
CA LEU D 241 -11.45 -9.72 14.59
C LEU D 241 -11.27 -10.58 13.33
N VAL D 242 -10.51 -10.07 12.34
CA VAL D 242 -10.19 -10.85 11.14
C VAL D 242 -8.69 -10.73 10.85
N GLY D 243 -7.96 -11.80 11.10
CA GLY D 243 -6.51 -11.78 11.02
C GLY D 243 -5.94 -11.74 9.60
N ASP D 244 -4.62 -11.53 9.55
CA ASP D 244 -3.88 -11.41 8.31
C ASP D 244 -4.12 -12.60 7.38
N LEU D 245 -4.07 -13.80 7.94
CA LEU D 245 -4.21 -15.00 7.12
C LEU D 245 -5.62 -15.11 6.53
N ASP D 246 -6.60 -14.80 7.34
CA ASP D 246 -7.98 -14.90 6.91
C ASP D 246 -8.20 -13.96 5.73
N ARG D 247 -7.67 -12.74 5.83
CA ARG D 247 -7.79 -11.75 4.77
C ARG D 247 -7.09 -12.20 3.49
N ASP D 248 -5.93 -12.87 3.64
CA ASP D 248 -5.25 -13.40 2.45
C ASP D 248 -6.01 -14.59 1.87
N ILE D 249 -6.71 -15.35 2.71
CA ILE D 249 -7.50 -16.45 2.21
C ILE D 249 -8.56 -15.91 1.24
N TYR D 250 -9.24 -14.81 1.60
CA TYR D 250 -10.20 -14.16 0.70
C TYR D 250 -9.54 -13.57 -0.54
N ALA D 251 -8.42 -12.87 -0.32
CA ALA D 251 -7.77 -12.15 -1.39
C ALA D 251 -7.34 -13.14 -2.48
N ASN D 252 -6.87 -14.30 -2.05
CA ASN D 252 -6.48 -15.37 -2.97
C ASN D 252 -7.67 -15.93 -3.77
N ALA D 253 -8.85 -15.99 -3.14
CA ALA D 253 -10.01 -16.49 -3.86
C ALA D 253 -10.35 -15.55 -5.00
N TYR D 254 -10.16 -14.24 -4.78
CA TYR D 254 -10.61 -13.21 -5.72
C TYR D 254 -9.52 -12.62 -6.60
N ASN D 255 -8.26 -13.00 -6.40
CA ASN D 255 -7.19 -12.19 -6.99
C ASN D 255 -7.01 -12.37 -8.50
N SER D 256 -7.44 -13.49 -9.08
CA SER D 256 -7.29 -13.62 -10.54
C SER D 256 -8.29 -12.70 -11.25
N PRO D 257 -7.97 -12.32 -12.49
CA PRO D 257 -8.86 -11.46 -13.27
C PRO D 257 -10.28 -12.06 -13.40
N GLN D 258 -10.36 -13.37 -13.64
CA GLN D 258 -11.62 -14.10 -13.75
C GLN D 258 -12.44 -14.08 -12.47
N ALA D 259 -11.74 -14.08 -11.34
CA ALA D 259 -12.41 -14.12 -10.06
C ALA D 259 -12.99 -12.75 -9.72
N VAL D 260 -12.21 -11.69 -9.97
CA VAL D 260 -12.71 -10.33 -9.81
C VAL D 260 -13.96 -10.13 -10.69
N ARG D 261 -13.85 -10.53 -11.97
CA ARG D 261 -14.91 -10.35 -12.95
C ARG D 261 -16.20 -11.03 -12.51
N ALA D 262 -16.09 -12.29 -12.12
CA ALA D 262 -17.22 -13.07 -11.66
C ALA D 262 -17.88 -12.37 -10.47
N GLY D 263 -17.06 -11.86 -9.56
CA GLY D 263 -17.59 -11.11 -8.44
C GLY D 263 -18.44 -9.94 -8.87
N THR D 264 -17.97 -9.18 -9.87
CA THR D 264 -18.74 -8.02 -10.32
C THR D 264 -20.09 -8.41 -10.93
N ARG D 265 -20.18 -9.61 -11.50
CA ARG D 265 -21.41 -10.10 -12.11
C ARG D 265 -22.55 -10.17 -11.09
N TRP D 266 -22.22 -10.49 -9.84
CA TRP D 266 -23.22 -10.50 -8.77
C TRP D 266 -23.89 -9.13 -8.71
N PHE D 267 -23.09 -8.08 -8.85
CA PHE D 267 -23.59 -6.70 -8.76
C PHE D 267 -24.24 -6.20 -10.06
N GLN D 268 -23.67 -6.57 -11.20
CA GLN D 268 -24.24 -6.16 -12.48
C GLN D 268 -25.63 -6.77 -12.71
N ALA D 269 -25.91 -7.89 -12.06
CA ALA D 269 -27.20 -8.55 -12.19
C ALA D 269 -28.34 -7.87 -11.41
N CYS D 270 -28.04 -6.78 -10.72
CA CYS D 270 -29.01 -6.18 -9.80
C CYS D 270 -30.30 -5.78 -10.50
N HIS D 271 -30.19 -5.27 -11.73
CA HIS D 271 -31.38 -4.85 -12.47
C HIS D 271 -32.25 -6.05 -12.72
N GLN D 272 -31.65 -7.15 -13.12
CA GLN D 272 -32.43 -8.38 -13.28
C GLN D 272 -33.01 -8.82 -11.93
N ASP D 273 -32.22 -8.71 -10.85
CA ASP D 273 -32.71 -9.10 -9.52
C ASP D 273 -33.90 -8.26 -9.08
N ILE D 274 -33.84 -6.97 -9.37
CA ILE D 274 -34.90 -6.05 -9.02
C ILE D 274 -36.18 -6.40 -9.76
N THR D 275 -36.05 -6.71 -11.05
CA THR D 275 -37.17 -7.17 -11.88
C THR D 275 -37.75 -8.48 -11.34
N ASP D 276 -36.88 -9.40 -10.98
CA ASP D 276 -37.30 -10.67 -10.43
C ASP D 276 -38.07 -10.48 -9.13
N GLN D 277 -37.61 -9.54 -8.31
CA GLN D 277 -38.16 -9.33 -6.99
C GLN D 277 -39.63 -8.89 -7.05
N ALA D 278 -39.98 -8.08 -8.05
CA ALA D 278 -41.37 -7.61 -8.18
C ALA D 278 -42.36 -8.74 -8.45
N GLY D 279 -41.88 -9.86 -8.98
CA GLY D 279 -42.77 -10.95 -9.35
C GLY D 279 -43.03 -11.93 -8.22
N TYR D 280 -42.34 -11.74 -7.09
CA TYR D 280 -42.40 -12.71 -5.99
C TYR D 280 -43.61 -12.52 -5.09
N GLY D 281 -44.23 -13.62 -4.73
CA GLY D 281 -45.28 -13.63 -3.73
C GLY D 281 -44.65 -13.58 -2.35
N LYS D 282 -45.47 -13.34 -1.32
CA LYS D 282 -44.97 -13.23 0.04
C LYS D 282 -44.42 -14.58 0.56
N LEU D 283 -43.29 -14.55 1.27
CA LEU D 283 -42.75 -15.73 1.95
C LEU D 283 -43.67 -16.06 3.11
N THR D 284 -44.06 -17.32 3.27
CA THR D 284 -44.96 -17.68 4.38
C THR D 284 -44.30 -18.63 5.37
N MET D 285 -43.11 -19.14 5.04
CA MET D 285 -42.33 -19.92 5.99
C MET D 285 -41.68 -18.96 6.98
N PRO D 286 -41.27 -19.47 8.14
CA PRO D 286 -40.56 -18.65 9.15
C PRO D 286 -39.34 -17.91 8.58
N VAL D 287 -39.26 -16.61 8.82
CA VAL D 287 -38.20 -15.76 8.30
C VAL D 287 -37.49 -15.02 9.44
N LEU D 288 -36.16 -15.01 9.39
CA LEU D 288 -35.35 -14.29 10.37
C LEU D 288 -34.49 -13.23 9.71
N GLY D 289 -34.56 -12.01 10.23
CA GLY D 289 -33.63 -10.98 9.82
C GLY D 289 -32.68 -10.64 10.96
N ILE D 290 -31.38 -10.80 10.74
CA ILE D 290 -30.36 -10.32 11.70
C ILE D 290 -29.70 -9.11 11.13
N GLY D 291 -29.91 -7.98 11.79
CA GLY D 291 -29.42 -6.75 11.20
C GLY D 291 -28.40 -6.04 12.04
N GLY D 292 -27.39 -5.54 11.34
CA GLY D 292 -26.37 -4.72 11.92
C GLY D 292 -26.89 -3.35 12.32
N ASN D 293 -26.00 -2.63 12.99
CA ASN D 293 -26.32 -1.43 13.70
C ASN D 293 -26.83 -0.35 12.73
N PHE D 294 -26.51 -0.54 11.45
CA PHE D 294 -26.81 0.46 10.43
C PHE D 294 -27.77 0.01 9.31
N THR D 295 -28.08 -1.29 9.22
CA THR D 295 -29.03 -1.77 8.22
C THR D 295 -30.33 -2.28 8.82
N PHE D 296 -30.38 -2.37 10.15
CA PHE D 296 -31.45 -3.08 10.83
C PHE D 296 -32.84 -2.63 10.37
N GLU D 297 -33.05 -1.33 10.34
CA GLU D 297 -34.40 -0.83 10.11
C GLU D 297 -34.81 -0.92 8.62
N ASP D 298 -33.88 -0.77 7.68
CA ASP D 298 -34.26 -0.99 6.27
C ASP D 298 -34.56 -2.47 6.03
N LEU D 299 -33.75 -3.33 6.66
CA LEU D 299 -33.95 -4.77 6.55
C LEU D 299 -35.26 -5.18 7.21
N ARG D 300 -35.55 -4.63 8.39
CA ARG D 300 -36.81 -4.97 9.03
C ARG D 300 -37.98 -4.51 8.15
N ASN D 301 -37.87 -3.34 7.55
CA ASN D 301 -38.93 -2.81 6.67
C ASN D 301 -39.17 -3.74 5.49
N LYS D 302 -38.09 -4.17 4.84
CA LYS D 302 -38.23 -4.98 3.63
C LYS D 302 -38.78 -6.37 3.93
N LEU D 303 -38.29 -7.02 4.97
CA LEU D 303 -38.73 -8.38 5.28
C LEU D 303 -40.19 -8.39 5.70
N THR D 304 -40.60 -7.42 6.52
CA THR D 304 -41.98 -7.37 7.01
C THR D 304 -42.95 -7.13 5.86
N ALA D 305 -42.46 -6.47 4.82
CA ALA D 305 -43.25 -6.20 3.63
C ALA D 305 -43.35 -7.42 2.72
N GLN D 306 -42.33 -8.29 2.80
CA GLN D 306 -42.19 -9.39 1.85
C GLN D 306 -42.51 -10.73 2.49
N ALA D 307 -42.82 -10.72 3.78
CA ALA D 307 -43.00 -11.95 4.51
C ALA D 307 -43.99 -11.78 5.64
N THR D 308 -44.71 -12.85 5.95
CA THR D 308 -45.78 -12.79 6.94
C THR D 308 -45.32 -13.33 8.32
N ASP D 309 -44.26 -14.11 8.36
CA ASP D 309 -43.82 -14.66 9.64
C ASP D 309 -42.36 -14.26 9.91
N VAL D 310 -42.18 -13.03 10.38
CA VAL D 310 -40.86 -12.40 10.53
C VAL D 310 -40.39 -12.23 11.98
N HIS D 311 -39.12 -12.58 12.20
CA HIS D 311 -38.46 -12.33 13.47
C HIS D 311 -37.26 -11.44 13.21
N MET D 312 -36.95 -10.53 14.12
CA MET D 312 -35.77 -9.70 13.93
C MET D 312 -34.82 -9.81 15.12
N VAL D 313 -33.53 -9.76 14.82
CA VAL D 313 -32.49 -9.71 15.84
C VAL D 313 -31.48 -8.64 15.49
N ARG D 314 -31.17 -7.80 16.46
CA ARG D 314 -30.26 -6.69 16.23
C ARG D 314 -28.85 -7.04 16.74
N ALA D 315 -27.86 -6.98 15.84
CA ALA D 315 -26.47 -7.16 16.22
C ALA D 315 -25.86 -5.79 16.55
N SER D 316 -26.06 -5.34 17.79
CA SER D 316 -25.79 -3.95 18.17
C SER D 316 -24.32 -3.56 18.03
N LYS D 317 -23.45 -4.56 17.98
CA LYS D 317 -22.02 -4.30 17.92
C LYS D 317 -21.44 -4.65 16.55
N SER D 318 -22.31 -4.82 15.55
CA SER D 318 -21.85 -5.16 14.19
C SER D 318 -22.13 -4.04 13.19
N VAL D 319 -21.22 -3.85 12.24
CA VAL D 319 -21.42 -2.91 11.14
C VAL D 319 -21.94 -3.63 9.87
N HIS D 320 -21.31 -4.72 9.45
CA HIS D 320 -21.78 -5.46 8.27
C HIS D 320 -21.45 -6.95 8.30
N TYR D 321 -20.21 -7.26 8.68
CA TYR D 321 -19.72 -8.63 8.65
C TYR D 321 -20.14 -9.43 9.89
N LEU D 322 -21.44 -9.71 9.98
CA LEU D 322 -22.03 -10.26 11.18
C LEU D 322 -21.36 -11.53 11.71
N PRO D 323 -21.08 -12.50 10.82
CA PRO D 323 -20.50 -13.77 11.27
C PRO D 323 -19.10 -13.60 11.89
N GLU D 324 -18.40 -12.55 11.50
CA GLU D 324 -17.05 -12.27 12.01
C GLU D 324 -17.05 -11.22 13.12
N GLU D 325 -18.01 -10.31 13.05
CA GLU D 325 -18.12 -9.23 14.04
C GLU D 325 -18.82 -9.66 15.35
N GLU D 326 -19.85 -10.49 15.24
CA GLU D 326 -20.56 -10.98 16.41
C GLU D 326 -21.00 -12.42 16.20
N PRO D 327 -20.02 -13.34 16.15
CA PRO D 327 -20.30 -14.75 15.87
C PRO D 327 -21.21 -15.41 16.90
N ASP D 328 -21.09 -15.05 18.17
CA ASP D 328 -21.94 -15.63 19.22
C ASP D 328 -23.39 -15.17 19.08
N VAL D 329 -23.56 -13.91 18.72
CA VAL D 329 -24.89 -13.41 18.50
C VAL D 329 -25.52 -14.14 17.30
N VAL D 330 -24.73 -14.34 16.25
CA VAL D 330 -25.26 -14.99 15.06
C VAL D 330 -25.58 -16.45 15.35
N ALA D 331 -24.62 -17.17 15.93
CA ALA D 331 -24.81 -18.58 16.25
C ALA D 331 -26.03 -18.79 17.15
N GLY D 332 -26.12 -18.00 18.22
CA GLY D 332 -27.23 -18.11 19.16
C GLY D 332 -28.58 -17.86 18.52
N ALA D 333 -28.65 -16.82 17.70
CA ALA D 333 -29.91 -16.48 17.02
C ALA D 333 -30.32 -17.59 16.09
N LEU D 334 -29.37 -18.12 15.31
CA LEU D 334 -29.68 -19.21 14.38
C LEU D 334 -30.08 -20.47 15.13
N LEU D 335 -29.42 -20.73 16.25
CA LEU D 335 -29.74 -21.89 17.08
C LEU D 335 -31.17 -21.80 17.62
N ASP D 336 -31.53 -20.61 18.09
CA ASP D 336 -32.85 -20.36 18.64
C ASP D 336 -33.92 -20.37 17.55
N PHE D 337 -33.58 -19.83 16.39
CA PHE D 337 -34.56 -19.69 15.31
C PHE D 337 -34.84 -21.02 14.59
N PHE D 338 -33.78 -21.74 14.24
CA PHE D 338 -33.94 -22.99 13.51
C PHE D 338 -34.45 -24.12 14.39
N GLY D 339 -34.15 -24.05 15.68
CA GLY D 339 -34.66 -25.03 16.63
C GLY D 339 -34.09 -26.42 16.37
C1 DY9 E . 15.19 -1.78 19.15
C2 DY9 E . 15.26 -0.35 18.65
C3 DY9 E . 16.32 0.56 19.09
C4 DY9 E . 17.38 0.01 20.01
C5 DY9 E . 18.86 -1.97 20.31
C6 DY9 E . 19.07 -3.34 20.39
O1 DY9 E . 16.35 -0.04 17.76
O2 DY9 E . 18.02 0.72 20.75
O3 DY9 E . 20.32 -3.82 20.66
O4 DY9 E . 20.16 -6.44 20.59
O5 DY9 E . 14.62 -4.78 19.30
O6 DY9 E . 14.15 -1.87 20.12
C4A DY9 E . 17.60 -1.46 19.98
C6A DY9 E . 18.03 -4.23 20.14
C6B DY9 E . 17.95 -5.70 20.10
C7 DY9 E . 18.88 -6.74 20.21
C8 DY9 E . 18.53 -8.06 19.98
C9 DY9 E . 17.22 -8.39 19.66
C10 DY9 E . 16.25 -7.40 19.57
C11 DY9 E . 16.63 -6.08 19.77
C14 DY9 E . 16.52 -2.31 19.69
C12 DY9 E . 15.82 -4.84 19.58
C13 DY9 E . 16.75 -3.70 19.81
C15 DY9 E . 16.12 2.07 19.12
HC DY9 E . 14.93 -2.39 18.28
HC1 DY9 E . 14.28 0.03 18.36
HC2 DY9 E . 19.68 -1.28 20.53
HO DY9 E . 20.31 -4.81 20.68
HO1 DY9 E . 20.76 -7.21 20.35
H DY9 E . 13.59 -2.64 19.85
HC3 DY9 E . 19.27 -8.85 20.05
HC4 DY9 E . 16.95 -9.42 19.49
HC5 DY9 E . 15.21 -7.64 19.34
HC6 DY9 E . 16.72 2.53 19.90
HC8 DY9 E . 15.07 2.30 19.34
HC7 DY9 E . 16.38 2.54 18.17
NA NA F . -8.97 2.18 34.39
C1 MLT G . -4.88 -7.14 10.59
O1 MLT G . -4.62 -7.76 9.53
O2 MLT G . -5.47 -7.70 11.56
C2 MLT G . -4.50 -5.69 10.68
O3 MLT G . -4.91 -5.18 11.92
C3 MLT G . -5.18 -5.01 9.54
C4 MLT G . -4.17 -4.68 8.47
O4 MLT G . -3.75 -5.58 7.66
O5 MLT G . -3.74 -3.50 8.43
H2 MLT G . -3.52 -5.60 10.58
HO3 MLT G . -5.65 -5.59 12.19
H31 MLT G . -5.87 -5.61 9.17
H32 MLT G . -5.61 -4.19 9.84
NA NA H . 9.71 25.08 -23.51
C1 MLT I . 4.01 3.05 -9.22
O1 MLT I . 4.76 2.68 -8.27
O2 MLT I . 3.54 4.21 -9.22
C2 MLT I . 3.64 2.08 -10.30
O3 MLT I . 3.51 0.85 -9.64
C3 MLT I . 4.58 1.94 -11.49
C4 MLT I . 4.72 3.19 -12.36
O4 MLT I . 5.00 3.10 -13.61
O5 MLT I . 4.58 4.32 -11.83
H2 MLT I . 2.76 2.34 -10.64
HO3 MLT I . 4.32 0.56 -9.38
H31 MLT I . 5.48 1.71 -11.15
H32 MLT I . 4.27 1.21 -12.05
C1 MLT J . -0.11 13.16 0.48
O1 MLT J . 0.70 12.37 -0.08
O2 MLT J . -0.59 12.85 1.61
C2 MLT J . -0.47 14.50 -0.12
O3 MLT J . -1.89 14.64 -0.04
C3 MLT J . 0.00 14.83 -1.52
C4 MLT J . 0.62 13.75 -2.37
O4 MLT J . 1.83 13.85 -2.68
O5 MLT J . -0.07 12.77 -2.78
H2 MLT J . -0.10 15.20 0.47
HO3 MLT J . -2.12 15.46 -0.25
H31 MLT J . 0.66 15.55 -1.45
H32 MLT J . -0.77 15.19 -2.03
C1 DY9 K . 20.49 -4.63 -5.02
C2 DY9 K . 21.25 -5.81 -4.49
C3 DY9 K . 22.73 -5.83 -4.44
C4 DY9 K . 23.45 -4.60 -4.92
C5 DY9 K . 23.42 -2.14 -4.95
C6 DY9 K . 22.76 -0.91 -5.02
O1 DY9 K . 21.94 -5.59 -3.24
O2 DY9 K . 24.62 -4.66 -5.23
O3 DY9 K . 23.50 0.22 -4.90
O4 DY9 K . 21.73 2.25 -5.04
O5 DY9 K . 18.29 -2.56 -5.57
O6 DY9 K . 19.93 -4.98 -6.29
C4A DY9 K . 22.69 -3.33 -5.00
C6A DY9 K . 21.38 -0.86 -5.17
C6B DY9 K . 20.41 0.26 -5.27
C7 DY9 K . 20.52 1.66 -5.17
C8 DY9 K . 19.39 2.46 -5.20
C9 DY9 K . 18.13 1.89 -5.35
C10 DY9 K . 17.98 0.52 -5.48
C11 DY9 K . 19.12 -0.28 -5.43
C14 DY9 K . 21.29 -3.34 -5.12
C12 DY9 K . 19.22 -1.76 -5.42
C13 DY9 K . 20.65 -2.08 -5.24
C15 DY9 K . 23.56 -7.08 -4.45
HC DY9 K . 19.68 -4.45 -4.31
HC1 DY9 K . 20.70 -6.75 -4.57
HC2 DY9 K . 24.50 -2.16 -4.86
HO DY9 K . 22.92 1.02 -4.97
HO1 DY9 K . 21.66 2.99 -4.37
H DY9 K . 18.95 -4.81 -6.21
HC3 DY9 K . 19.48 3.54 -5.10
HC4 DY9 K . 17.25 2.54 -5.37
HC5 DY9 K . 17.00 0.06 -5.62
HC6 DY9 K . 23.65 -7.50 -5.45
HC8 DY9 K . 23.12 -7.85 -3.82
HC7 DY9 K . 24.57 -6.90 -4.08
B BO3 L . 15.64 -23.02 0.77
O1 BO3 L . 14.75 -23.77 1.59
O2 BO3 L . 16.97 -22.71 1.22
O3 BO3 L . 15.24 -22.76 -0.59
HO1 BO3 L . 14.27 -24.32 1.09
HO2 BO3 L . 17.32 -22.09 0.70
HO3 BO3 L . 14.68 -23.39 -0.86
C1 DY9 M . -20.88 -5.30 0.55
C2 DY9 M . -21.76 -5.84 -0.56
C3 DY9 M . -23.22 -5.79 -0.48
C4 DY9 M . -23.85 -5.09 0.71
C5 DY9 M . -23.60 -3.35 2.43
C6 DY9 M . -22.86 -2.63 3.35
O1 DY9 M . -22.49 -4.88 -1.33
O2 DY9 M . -25.02 -5.25 0.96
O3 DY9 M . -23.48 -1.75 4.18
O4 DY9 M . -21.59 -0.62 5.65
O5 DY9 M . -18.52 -4.39 2.26
O6 DY9 M . -20.20 -6.38 1.18
C4A DY9 M . -22.98 -4.26 1.57
C6A DY9 M . -21.47 -2.80 3.43
C6B DY9 M . -20.42 -2.18 4.27
C7 DY9 M . -20.41 -1.19 5.26
C8 DY9 M . -19.22 -0.76 5.84
C9 DY9 M . -18.02 -1.32 5.45
C10 DY9 M . -17.98 -2.31 4.49
C11 DY9 M . -19.18 -2.73 3.91
C14 DY9 M . -21.59 -4.44 1.58
C12 DY9 M . -19.38 -3.72 2.81
C13 DY9 M . -20.85 -3.71 2.55
C15 DY9 M . -24.13 -6.77 -1.18
HC DY9 M . -20.15 -4.66 0.05
HC1 DY9 M . -21.28 -6.64 -1.12
HC2 DY9 M . -24.68 -3.20 2.39
HO DY9 M . -22.83 -1.32 4.78
HO1 DY9 M . -21.42 0.32 5.92
H DY9 M . -19.47 -5.98 1.70
HC3 DY9 M . -19.23 0.02 6.59
HC4 DY9 M . -17.10 -0.97 5.91
HC5 DY9 M . -17.04 -2.77 4.18
HC6 DY9 M . -24.78 -7.29 -0.47
HC8 DY9 M . -23.54 -7.53 -1.70
HC7 DY9 M . -24.77 -6.29 -1.92
B BO3 N . -17.01 -14.61 -16.36
O1 BO3 N . -18.36 -14.07 -16.36
O2 BO3 N . -16.34 -14.95 -15.14
O3 BO3 N . -16.21 -14.48 -17.53
HO1 BO3 N . -18.61 -13.92 -17.19
HO2 BO3 N . -15.47 -14.91 -15.25
HO3 BO3 N . -16.67 -14.07 -18.17
C1 MLT O . -0.25 -5.77 -4.00
O1 MLT O . 0.23 -6.03 -5.14
O2 MLT O . -0.82 -4.67 -3.83
C2 MLT O . -0.11 -6.74 -2.84
O3 MLT O . 1.01 -7.55 -3.05
C3 MLT O . -1.34 -7.62 -2.75
C4 MLT O . -1.34 -8.40 -1.44
O4 MLT O . -0.89 -7.88 -0.38
O5 MLT O . -1.80 -9.59 -1.43
H2 MLT O . -0.01 -6.24 -2.01
HO3 MLT O . 0.95 -7.94 -3.85
H31 MLT O . -1.34 -8.25 -3.50
H32 MLT O . -2.14 -7.07 -2.79
#